data_4AZI
#
_entry.id   4AZI
#
_cell.length_a   67.060
_cell.length_b   116.040
_cell.length_c   69.640
_cell.angle_alpha   90.00
_cell.angle_beta   109.57
_cell.angle_gamma   90.00
#
_symmetry.space_group_name_H-M   'P 1 21 1'
#
loop_
_entity.id
_entity.type
_entity.pdbx_description
1 polymer BETA-N-ACETYLHEXOSAMINIDASE
2 non-polymer 'O-(2-ACETAMIDO-2-DEOXY D-GLUCOPYRANOSYLIDENE) AMINO-N-PHENYLCARBAMATE'
3 non-polymer 1,2-ETHANEDIOL
4 non-polymer 'BROMIDE ION'
5 non-polymer BICINE
6 water water
#
_entity_poly.entity_id   1
_entity_poly.type   'polypeptide(L)'
_entity_poly.pdbx_seq_one_letter_code
;GSHMEKLAKNKVISIDAGRKYFTLNQLKRIVDKASELGYSDVHLLLGNDGLRFLLDDMTITANGKTYASDDVKKAIIEGT
KAYYDDPNGTALTQAEVTELIEYAKSKDIGLIPAINSPGHMDAMLVAMEKLGIKNPQAHFDKVSKTTMDLKNEEAMNFVK
ALIGKYMDFFAGKTKIFNFGTDEYANDATSAQGWYYLKWYQLYGKFAEYANTLAAMAKERGLQPMAFNDGFYYEDKDDVQ
FDKDVLISYWSKGWWGYNLASPQYLASKGYKFLNTNGDWYYILGQKPEDGWYFLKKAIENTGKTPFNQLASTKYPEVDLP
TVGSMLSIWADRPSAEYKEEEIFELMTAFADHNKDYFRANYNALREELAKIPTNLEGYSKESLEALDAAKTALNYNLNRN
KQAELDTLVANLKAALQGLKPAVTHSGSLDENEVAANVETRP
;
_entity_poly.pdbx_strand_id   A,B
#
loop_
_chem_comp.id
_chem_comp.type
_chem_comp.name
_chem_comp.formula
BCN non-polymer BICINE 'C6 H13 N O4'
BR non-polymer 'BROMIDE ION' 'Br -1'
EDO non-polymer 1,2-ETHANEDIOL 'C2 H6 O2'
OAN non-polymer 'O-(2-ACETAMIDO-2-DEOXY D-GLUCOPYRANOSYLIDENE) AMINO-N-PHENYLCARBAMATE' 'C15 H19 N3 O7'
#
# COMPACT_ATOMS: atom_id res chain seq x y z
N GLY A 1 1.23 -17.31 19.09
CA GLY A 1 1.48 -18.76 19.29
C GLY A 1 2.22 -19.05 20.58
N SER A 2 2.65 -20.31 20.75
CA SER A 2 3.36 -20.76 21.93
C SER A 2 4.72 -20.08 22.13
N HIS A 3 5.25 -20.20 23.35
CA HIS A 3 6.59 -19.74 23.70
C HIS A 3 7.62 -20.20 22.70
N MET A 4 7.52 -21.46 22.28
CA MET A 4 8.41 -22.06 21.30
C MET A 4 8.27 -21.44 19.91
N GLU A 5 7.02 -21.23 19.48
CA GLU A 5 6.73 -20.64 18.17
C GLU A 5 7.27 -19.21 18.04
N LYS A 6 7.12 -18.43 19.11
CA LYS A 6 7.60 -17.05 19.14
C LYS A 6 9.12 -16.96 19.00
N LEU A 7 9.83 -17.78 19.77
CA LEU A 7 11.29 -17.76 19.75
C LEU A 7 11.86 -18.30 18.45
N ALA A 8 11.07 -19.11 17.76
CA ALA A 8 11.50 -19.68 16.49
C ALA A 8 11.31 -18.72 15.31
N LYS A 9 10.55 -17.65 15.50
CA LYS A 9 10.42 -16.64 14.46
C LYS A 9 11.74 -15.90 14.24
N ASN A 10 11.95 -15.45 13.00
CA ASN A 10 13.13 -14.64 12.68
C ASN A 10 13.03 -13.24 13.26
N LYS A 11 14.10 -12.77 13.91
CA LYS A 11 14.23 -11.37 14.34
C LYS A 11 15.45 -10.78 13.66
N VAL A 12 15.20 -9.87 12.74
CA VAL A 12 16.24 -9.46 11.80
C VAL A 12 16.53 -7.96 11.88
N ILE A 13 17.82 -7.62 11.87
CA ILE A 13 18.28 -6.25 11.66
C ILE A 13 18.89 -6.16 10.26
N SER A 14 18.38 -5.23 9.46
CA SER A 14 18.90 -5.02 8.10
C SER A 14 19.82 -3.81 8.07
N ILE A 15 20.95 -3.95 7.38
CA ILE A 15 21.95 -2.89 7.23
C ILE A 15 22.28 -2.66 5.74
N ASP A 16 22.02 -1.45 5.27
CA ASP A 16 22.30 -1.04 3.89
C ASP A 16 23.80 -0.78 3.70
N ALA A 17 24.55 -1.87 3.53
CA ALA A 17 25.99 -1.76 3.24
C ALA A 17 26.22 -1.79 1.73
N GLY A 18 25.16 -1.49 0.98
CA GLY A 18 25.24 -1.37 -0.46
C GLY A 18 25.55 0.06 -0.86
N ARG A 19 24.75 1.00 -0.37
CA ARG A 19 24.99 2.40 -0.67
C ARG A 19 26.23 2.92 0.07
N LYS A 20 26.45 2.39 1.27
CA LYS A 20 27.47 2.92 2.17
C LYS A 20 28.42 1.84 2.66
N TYR A 21 29.71 2.18 2.78
CA TYR A 21 30.71 1.22 3.25
C TYR A 21 30.63 1.06 4.77
N PHE A 22 30.62 -0.21 5.21
CA PHE A 22 30.75 -0.55 6.62
C PHE A 22 31.99 -1.43 6.77
N THR A 23 32.84 -1.15 7.74
CA THR A 23 34.02 -1.99 7.96
C THR A 23 33.57 -3.30 8.59
N LEU A 24 34.37 -4.34 8.40
CA LEU A 24 34.10 -5.62 9.05
C LEU A 24 33.91 -5.48 10.56
N ASN A 25 34.73 -4.67 11.23
CA ASN A 25 34.56 -4.46 12.67
C ASN A 25 33.23 -3.79 13.03
N GLN A 26 32.76 -2.87 12.17
CA GLN A 26 31.47 -2.25 12.40
C GLN A 26 30.35 -3.28 12.34
N LEU A 27 30.44 -4.21 11.39
CA LEU A 27 29.42 -5.23 11.22
C LEU A 27 29.46 -6.29 12.32
N LYS A 28 30.67 -6.65 12.76
CA LYS A 28 30.84 -7.54 13.91
C LYS A 28 30.16 -6.96 15.16
N ARG A 29 30.33 -5.66 15.39
CA ARG A 29 29.65 -4.97 16.50
C ARG A 29 28.12 -5.02 16.42
N ILE A 30 27.59 -4.86 15.21
CA ILE A 30 26.16 -5.06 14.95
C ILE A 30 25.72 -6.50 15.30
N VAL A 31 26.50 -7.48 14.86
CA VAL A 31 26.28 -8.90 15.20
C VAL A 31 26.23 -9.09 16.72
N ASP A 32 27.23 -8.51 17.41
CA ASP A 32 27.31 -8.50 18.88
C ASP A 32 26.07 -7.94 19.54
N LYS A 33 25.65 -6.76 19.09
CA LYS A 33 24.47 -6.10 19.61
C LYS A 33 23.21 -6.90 19.31
N ALA A 34 23.14 -7.50 18.13
CA ALA A 34 22.00 -8.37 17.78
C ALA A 34 21.95 -9.60 18.67
N SER A 35 23.11 -10.20 18.91
CA SER A 35 23.21 -11.38 19.77
C SER A 35 22.80 -11.10 21.22
N GLU A 36 23.15 -9.93 21.74
CA GLU A 36 22.82 -9.61 23.12
C GLU A 36 21.33 -9.31 23.27
N LEU A 37 20.75 -8.69 22.24
CA LEU A 37 19.36 -8.24 22.29
C LEU A 37 18.39 -9.37 21.90
N GLY A 38 18.93 -10.46 21.38
CA GLY A 38 18.14 -11.66 21.09
C GLY A 38 17.56 -11.77 19.68
N TYR A 39 18.15 -11.02 18.74
CA TYR A 39 17.87 -11.18 17.32
C TYR A 39 18.37 -12.54 16.83
N SER A 40 17.93 -12.95 15.64
CA SER A 40 18.39 -14.21 15.08
C SER A 40 19.25 -14.05 13.83
N ASP A 41 19.15 -12.90 13.16
CA ASP A 41 19.80 -12.70 11.85
C ASP A 41 20.25 -11.26 11.63
N VAL A 42 21.30 -11.11 10.83
CA VAL A 42 21.68 -9.82 10.24
C VAL A 42 21.42 -9.88 8.73
N HIS A 43 20.57 -8.98 8.25
CA HIS A 43 20.29 -8.86 6.82
C HIS A 43 21.23 -7.85 6.25
N LEU A 44 22.07 -8.29 5.32
CA LEU A 44 23.12 -7.44 4.80
C LEU A 44 23.02 -7.21 3.29
N LEU A 45 22.60 -5.99 2.93
CA LEU A 45 22.61 -5.57 1.54
C LEU A 45 24.05 -5.30 1.15
N LEU A 46 24.50 -5.99 0.11
CA LEU A 46 25.86 -5.86 -0.39
C LEU A 46 25.83 -5.22 -1.77
N GLY A 47 24.81 -5.57 -2.55
CA GLY A 47 24.49 -4.84 -3.77
C GLY A 47 23.20 -4.07 -3.54
N ASN A 48 23.28 -2.75 -3.55
CA ASN A 48 22.12 -1.86 -3.41
C ASN A 48 22.59 -0.47 -3.80
N ASP A 49 22.38 -0.15 -5.08
CA ASP A 49 23.00 1.00 -5.76
C ASP A 49 24.51 0.75 -5.95
N GLY A 50 25.29 0.92 -4.88
CA GLY A 50 26.67 0.48 -4.91
C GLY A 50 26.76 -1.03 -4.79
N LEU A 51 27.89 -1.59 -5.20
N LEU A 51 27.88 -1.59 -5.24
CA LEU A 51 28.15 -3.02 -5.05
CA LEU A 51 28.18 -3.00 -5.06
C LEU A 51 29.44 -3.19 -4.26
C LEU A 51 29.45 -3.06 -4.22
N ARG A 52 29.30 -3.47 -2.96
CA ARG A 52 30.40 -3.41 -2.01
C ARG A 52 30.85 -4.79 -1.52
N PHE A 53 30.91 -5.73 -2.44
CA PHE A 53 31.44 -7.07 -2.16
C PHE A 53 32.09 -7.66 -3.40
N LEU A 54 33.36 -7.98 -3.27
CA LEU A 54 34.09 -8.69 -4.32
C LEU A 54 34.61 -10.02 -3.81
N LEU A 55 34.33 -11.07 -4.59
CA LEU A 55 34.90 -12.39 -4.37
C LEU A 55 36.35 -12.40 -4.83
N ASP A 56 37.12 -13.37 -4.36
CA ASP A 56 38.50 -13.55 -4.79
C ASP A 56 38.60 -13.80 -6.29
N ASP A 57 37.72 -14.63 -6.83
CA ASP A 57 37.59 -14.84 -8.27
C ASP A 57 36.29 -14.27 -8.82
N MET A 58 36.41 -13.26 -9.66
CA MET A 58 35.26 -12.56 -10.23
C MET A 58 35.13 -12.81 -11.73
N THR A 59 35.68 -13.93 -12.19
CA THR A 59 35.60 -14.31 -13.61
C THR A 59 34.13 -14.61 -13.95
N ILE A 60 33.68 -14.03 -15.06
CA ILE A 60 32.30 -14.21 -15.52
C ILE A 60 32.28 -14.76 -16.93
N THR A 61 31.45 -15.78 -17.16
CA THR A 61 31.20 -16.28 -18.49
C THR A 61 29.73 -16.04 -18.86
N ALA A 62 29.53 -15.30 -19.95
CA ALA A 62 28.20 -14.98 -20.47
C ALA A 62 28.35 -14.44 -21.89
N ASN A 63 27.30 -14.60 -22.68
CA ASN A 63 27.24 -14.01 -24.02
C ASN A 63 28.31 -14.58 -24.95
N GLY A 64 28.68 -15.84 -24.72
CA GLY A 64 29.67 -16.54 -25.55
C GLY A 64 31.12 -16.20 -25.26
N LYS A 65 31.35 -15.36 -24.25
CA LYS A 65 32.70 -14.93 -23.91
C LYS A 65 32.97 -14.96 -22.42
N THR A 66 34.23 -14.70 -22.04
N THR A 66 34.19 -14.60 -22.03
CA THR A 66 34.58 -14.57 -20.64
CA THR A 66 34.59 -14.63 -20.64
C THR A 66 35.08 -13.17 -20.34
C THR A 66 35.26 -13.32 -20.21
N TYR A 67 34.73 -12.70 -19.15
CA TYR A 67 35.23 -11.45 -18.63
C TYR A 67 36.16 -11.84 -17.49
N ALA A 68 37.43 -11.47 -17.64
CA ALA A 68 38.48 -11.86 -16.70
C ALA A 68 38.27 -11.26 -15.31
N SER A 69 38.70 -11.98 -14.28
CA SER A 69 38.50 -11.55 -12.89
C SER A 69 38.98 -10.13 -12.58
N ASP A 70 40.20 -9.77 -13.00
CA ASP A 70 40.75 -8.44 -12.73
C ASP A 70 39.94 -7.32 -13.36
N ASP A 71 39.43 -7.56 -14.57
CA ASP A 71 38.66 -6.56 -15.30
C ASP A 71 37.29 -6.35 -14.67
N VAL A 72 36.71 -7.43 -14.17
CA VAL A 72 35.41 -7.35 -13.49
C VAL A 72 35.56 -6.58 -12.19
N LYS A 73 36.58 -6.93 -11.40
CA LYS A 73 36.88 -6.21 -10.16
C LYS A 73 37.09 -4.72 -10.38
N LYS A 74 37.88 -4.38 -11.41
CA LYS A 74 38.15 -2.98 -11.75
C LYS A 74 36.87 -2.25 -12.17
N ALA A 75 36.07 -2.90 -13.01
CA ALA A 75 34.81 -2.34 -13.48
C ALA A 75 33.83 -2.04 -12.33
N ILE A 76 33.65 -3.02 -11.45
CA ILE A 76 32.76 -2.91 -10.30
C ILE A 76 33.23 -1.82 -9.33
N ILE A 77 34.52 -1.79 -9.02
CA ILE A 77 35.07 -0.72 -8.20
C ILE A 77 34.73 0.65 -8.82
N GLU A 78 34.96 0.79 -10.12
CA GLU A 78 34.58 2.00 -10.85
C GLU A 78 33.09 2.33 -10.80
N GLY A 79 32.24 1.33 -11.01
CA GLY A 79 30.78 1.53 -10.86
C GLY A 79 30.41 1.99 -9.45
N THR A 80 31.03 1.39 -8.44
CA THR A 80 30.70 1.69 -7.06
C THR A 80 31.15 3.10 -6.66
N LYS A 81 32.38 3.46 -7.03
CA LYS A 81 32.87 4.83 -6.84
C LYS A 81 32.05 5.88 -7.61
N ALA A 82 31.51 5.50 -8.77
CA ALA A 82 30.65 6.39 -9.58
C ALA A 82 29.29 6.64 -8.93
N TYR A 83 28.80 5.66 -8.17
CA TYR A 83 27.60 5.89 -7.37
C TYR A 83 27.96 6.76 -6.16
N TYR A 84 28.95 6.31 -5.38
CA TYR A 84 29.44 7.06 -4.22
C TYR A 84 30.85 6.63 -3.84
N ASP A 85 31.80 7.55 -3.95
CA ASP A 85 33.19 7.28 -3.60
C ASP A 85 33.39 7.50 -2.12
N ASP A 86 32.89 6.55 -1.32
CA ASP A 86 33.00 6.58 0.13
C ASP A 86 34.46 6.63 0.60
N PRO A 87 34.81 7.67 1.38
CA PRO A 87 36.17 7.77 1.93
C PRO A 87 36.53 6.63 2.88
N ASN A 88 35.53 5.99 3.51
CA ASN A 88 35.75 4.92 4.48
C ASN A 88 36.16 3.58 3.87
N GLY A 89 35.97 3.45 2.55
CA GLY A 89 36.28 2.20 1.85
C GLY A 89 35.30 1.96 0.71
N THR A 90 35.53 0.88 -0.04
CA THR A 90 34.74 0.61 -1.24
C THR A 90 33.98 -0.70 -1.15
N ALA A 91 34.69 -1.79 -0.89
CA ALA A 91 34.07 -3.11 -0.91
C ALA A 91 34.68 -4.04 0.12
N LEU A 92 33.82 -4.89 0.68
CA LEU A 92 34.26 -5.98 1.52
C LEU A 92 34.91 -7.05 0.64
N THR A 93 35.90 -7.74 1.20
CA THR A 93 36.58 -8.85 0.50
C THR A 93 35.91 -10.18 0.86
N GLN A 94 36.28 -11.23 0.15
CA GLN A 94 35.74 -12.56 0.39
C GLN A 94 36.10 -13.02 1.80
N ALA A 95 37.36 -12.79 2.18
CA ALA A 95 37.88 -13.14 3.50
C ALA A 95 37.10 -12.45 4.63
N GLU A 96 36.70 -11.21 4.40
CA GLU A 96 35.95 -10.46 5.41
C GLU A 96 34.50 -10.96 5.60
N VAL A 97 33.78 -11.21 4.50
CA VAL A 97 32.41 -11.75 4.61
C VAL A 97 32.44 -13.17 5.19
N THR A 98 33.44 -13.96 4.81
CA THR A 98 33.60 -15.32 5.35
C THR A 98 33.74 -15.26 6.88
N GLU A 99 34.60 -14.36 7.35
CA GLU A 99 34.82 -14.15 8.79
C GLU A 99 33.56 -13.63 9.52
N LEU A 100 32.81 -12.73 8.88
CA LEU A 100 31.57 -12.21 9.49
C LEU A 100 30.55 -13.33 9.68
N ILE A 101 30.40 -14.16 8.65
CA ILE A 101 29.49 -15.31 8.70
C ILE A 101 29.88 -16.33 9.78
N GLU A 102 31.16 -16.72 9.83
CA GLU A 102 31.65 -17.60 10.90
C GLU A 102 31.41 -16.97 12.27
N TYR A 103 31.77 -15.69 12.41
CA TYR A 103 31.65 -14.96 13.68
C TYR A 103 30.21 -14.90 14.16
N ALA A 104 29.31 -14.55 13.24
CA ALA A 104 27.88 -14.54 13.51
C ALA A 104 27.40 -15.93 13.91
N LYS A 105 27.90 -16.96 13.21
CA LYS A 105 27.47 -18.34 13.47
C LYS A 105 27.79 -18.75 14.91
N SER A 106 28.97 -18.35 15.41
CA SER A 106 29.41 -18.66 16.77
C SER A 106 28.49 -18.04 17.84
N LYS A 107 27.72 -17.03 17.44
CA LYS A 107 26.76 -16.41 18.33
C LYS A 107 25.31 -16.73 17.93
N ASP A 108 25.13 -17.81 17.16
CA ASP A 108 23.82 -18.26 16.66
C ASP A 108 23.05 -17.15 15.94
N ILE A 109 23.78 -16.33 15.19
CA ILE A 109 23.22 -15.28 14.35
C ILE A 109 23.44 -15.71 12.89
N GLY A 110 22.36 -15.78 12.12
CA GLY A 110 22.50 -16.01 10.70
C GLY A 110 22.85 -14.74 9.95
N LEU A 111 23.45 -14.87 8.77
CA LEU A 111 23.57 -13.76 7.85
C LEU A 111 22.63 -13.96 6.65
N ILE A 112 21.91 -12.91 6.29
CA ILE A 112 21.14 -12.91 5.06
C ILE A 112 21.66 -11.85 4.10
N PRO A 113 22.40 -12.27 3.06
CA PRO A 113 22.85 -11.31 2.05
C PRO A 113 21.76 -10.87 1.07
N ALA A 114 21.85 -9.62 0.64
CA ALA A 114 21.07 -9.10 -0.49
C ALA A 114 21.98 -8.54 -1.58
N ILE A 115 21.70 -8.91 -2.83
CA ILE A 115 22.32 -8.33 -4.02
C ILE A 115 21.19 -7.90 -4.95
N ASN A 116 20.97 -6.60 -5.05
CA ASN A 116 19.79 -6.08 -5.73
C ASN A 116 19.90 -6.01 -7.24
N SER A 117 18.81 -6.36 -7.92
CA SER A 117 18.62 -6.17 -9.37
C SER A 117 17.12 -6.45 -9.60
N PRO A 118 16.56 -6.03 -10.76
CA PRO A 118 17.13 -5.20 -11.84
C PRO A 118 17.12 -3.70 -11.52
N GLY A 119 16.60 -3.32 -10.35
CA GLY A 119 16.71 -1.94 -9.86
C GLY A 119 17.86 -1.85 -8.89
N HIS A 120 18.11 -0.65 -8.36
CA HIS A 120 19.15 -0.44 -7.35
C HIS A 120 20.48 -1.07 -7.69
N MET A 121 20.89 -0.90 -8.94
CA MET A 121 22.11 -1.54 -9.45
C MET A 121 22.95 -0.56 -10.27
N ASP A 122 23.07 0.66 -9.77
CA ASP A 122 23.90 1.71 -10.39
C ASP A 122 25.30 1.19 -10.71
N ALA A 123 25.90 0.50 -9.74
CA ALA A 123 27.29 0.07 -9.85
C ALA A 123 27.49 -0.95 -10.96
N MET A 124 26.55 -1.91 -11.05
CA MET A 124 26.62 -2.96 -12.06
C MET A 124 26.43 -2.39 -13.47
N LEU A 125 25.59 -1.36 -13.60
CA LEU A 125 25.35 -0.72 -14.88
C LEU A 125 26.59 -0.07 -15.48
N VAL A 126 27.30 0.71 -14.67
CA VAL A 126 28.56 1.34 -15.08
C VAL A 126 29.65 0.29 -15.27
N ALA A 127 29.69 -0.71 -14.39
CA ALA A 127 30.62 -1.82 -14.51
C ALA A 127 30.46 -2.50 -15.87
N MET A 128 29.21 -2.76 -16.25
CA MET A 128 28.94 -3.42 -17.53
C MET A 128 29.43 -2.56 -18.72
N GLU A 129 29.24 -1.24 -18.65
CA GLU A 129 29.75 -0.32 -19.68
C GLU A 129 31.28 -0.30 -19.75
N LYS A 130 31.93 -0.44 -18.60
CA LYS A 130 33.39 -0.52 -18.56
C LYS A 130 33.89 -1.83 -19.16
N LEU A 131 33.04 -2.85 -19.14
CA LEU A 131 33.36 -4.15 -19.72
C LEU A 131 32.87 -4.29 -21.17
N GLY A 132 32.34 -3.21 -21.73
CA GLY A 132 31.97 -3.19 -23.15
C GLY A 132 30.54 -3.56 -23.45
N ILE A 133 29.70 -3.61 -22.41
CA ILE A 133 28.28 -3.88 -22.57
C ILE A 133 27.59 -2.52 -22.64
N LYS A 134 27.25 -2.09 -23.86
CA LYS A 134 26.66 -0.76 -24.09
C LYS A 134 25.17 -0.75 -23.77
N ASN A 135 24.70 0.40 -23.29
CA ASN A 135 23.28 0.62 -23.01
C ASN A 135 22.61 -0.44 -22.13
N PRO A 136 23.20 -0.73 -20.95
CA PRO A 136 22.50 -1.71 -20.12
C PRO A 136 21.30 -1.10 -19.40
N GLN A 137 21.13 0.22 -19.51
CA GLN A 137 20.15 0.94 -18.72
C GLN A 137 18.75 0.90 -19.32
N ALA A 138 17.76 0.73 -18.45
CA ALA A 138 16.38 0.98 -18.81
C ALA A 138 16.26 2.45 -19.20
N HIS A 139 15.35 2.73 -20.11
CA HIS A 139 15.19 4.04 -20.72
C HIS A 139 13.71 4.33 -20.86
N PHE A 140 13.22 5.22 -20.01
CA PHE A 140 11.81 5.63 -20.03
C PHE A 140 11.71 7.17 -20.19
N ASP A 141 11.32 7.88 -19.13
CA ASP A 141 11.29 9.35 -19.15
C ASP A 141 12.67 9.95 -19.35
N LYS A 142 13.67 9.18 -18.94
CA LYS A 142 15.07 9.46 -19.20
C LYS A 142 15.84 8.15 -19.09
N VAL A 143 17.14 8.21 -19.38
CA VAL A 143 18.01 7.06 -19.17
C VAL A 143 18.19 6.86 -17.67
N SER A 144 17.81 5.68 -17.19
CA SER A 144 17.91 5.38 -15.75
C SER A 144 19.36 5.25 -15.32
N LYS A 145 19.63 5.66 -14.08
CA LYS A 145 20.94 5.44 -13.49
C LYS A 145 20.93 4.23 -12.56
N THR A 146 19.76 3.63 -12.35
CA THR A 146 19.61 2.60 -11.31
C THR A 146 19.25 1.24 -11.85
N THR A 147 18.62 1.21 -13.02
CA THR A 147 17.86 0.04 -13.47
C THR A 147 18.27 -0.50 -14.84
N MET A 148 18.24 -1.83 -14.96
CA MET A 148 18.61 -2.52 -16.17
C MET A 148 17.44 -2.67 -17.16
N ASP A 149 17.76 -2.53 -18.45
CA ASP A 149 16.83 -2.77 -19.56
C ASP A 149 16.56 -4.26 -19.72
N LEU A 150 15.32 -4.66 -19.50
CA LEU A 150 14.93 -6.08 -19.54
C LEU A 150 14.97 -6.71 -20.94
N LYS A 151 15.09 -5.86 -21.96
CA LYS A 151 15.17 -6.33 -23.35
C LYS A 151 16.62 -6.48 -23.79
N ASN A 152 17.55 -6.03 -22.96
CA ASN A 152 18.96 -6.15 -23.28
C ASN A 152 19.56 -7.48 -22.79
N GLU A 153 19.49 -8.49 -23.65
CA GLU A 153 20.02 -9.84 -23.38
C GLU A 153 21.47 -9.86 -22.88
N GLU A 154 22.34 -9.09 -23.54
CA GLU A 154 23.75 -9.02 -23.17
C GLU A 154 23.95 -8.59 -21.71
N ALA A 155 23.21 -7.56 -21.30
CA ALA A 155 23.25 -7.07 -19.93
C ALA A 155 22.64 -8.08 -18.94
N MET A 156 21.48 -8.60 -19.32
CA MET A 156 20.75 -9.63 -18.56
C MET A 156 21.56 -10.92 -18.39
N ASN A 157 22.20 -11.37 -19.48
CA ASN A 157 23.03 -12.55 -19.41
C ASN A 157 24.20 -12.33 -18.46
N PHE A 158 24.78 -11.13 -18.52
CA PHE A 158 25.88 -10.80 -17.63
C PHE A 158 25.47 -10.76 -16.16
N VAL A 159 24.43 -10.00 -15.85
CA VAL A 159 23.98 -9.83 -14.47
C VAL A 159 23.62 -11.15 -13.83
N LYS A 160 22.84 -11.98 -14.55
CA LYS A 160 22.47 -13.31 -14.08
C LYS A 160 23.68 -14.18 -13.73
N ALA A 161 24.71 -14.13 -14.59
CA ALA A 161 25.94 -14.87 -14.34
C ALA A 161 26.63 -14.35 -13.10
N LEU A 162 26.71 -13.02 -12.96
CA LEU A 162 27.30 -12.36 -11.78
C LEU A 162 26.59 -12.74 -10.49
N ILE A 163 25.27 -12.65 -10.49
CA ILE A 163 24.49 -13.04 -9.31
C ILE A 163 24.63 -14.53 -9.00
N GLY A 164 24.76 -15.34 -10.05
CA GLY A 164 25.11 -16.77 -9.92
C GLY A 164 26.39 -17.02 -9.14
N LYS A 165 27.45 -16.27 -9.45
CA LYS A 165 28.71 -16.38 -8.72
C LYS A 165 28.56 -16.03 -7.25
N TYR A 166 27.94 -14.89 -6.95
CA TYR A 166 27.64 -14.54 -5.55
C TYR A 166 26.86 -15.64 -4.85
N MET A 167 25.83 -16.16 -5.52
CA MET A 167 25.03 -17.25 -4.96
C MET A 167 25.89 -18.50 -4.72
N ASP A 168 26.84 -18.75 -5.63
CA ASP A 168 27.83 -19.82 -5.48
C ASP A 168 28.62 -19.69 -4.16
N PHE A 169 29.07 -18.48 -3.84
CA PHE A 169 29.80 -18.26 -2.57
C PHE A 169 28.92 -18.47 -1.32
N PHE A 170 27.69 -17.96 -1.35
CA PHE A 170 26.78 -18.09 -0.20
C PHE A 170 26.16 -19.47 -0.04
N ALA A 171 26.06 -20.24 -1.12
CA ALA A 171 25.55 -21.62 -1.06
C ALA A 171 26.24 -22.40 0.05
N GLY A 172 25.45 -22.87 1.02
CA GLY A 172 25.98 -23.60 2.16
C GLY A 172 26.62 -22.76 3.24
N LYS A 173 26.57 -21.43 3.11
CA LYS A 173 27.05 -20.51 4.15
C LYS A 173 25.88 -19.77 4.81
N THR A 174 24.81 -19.56 4.05
CA THR A 174 23.62 -18.88 4.52
C THR A 174 22.40 -19.70 4.10
N LYS A 175 21.27 -19.52 4.77
CA LYS A 175 20.03 -20.20 4.34
C LYS A 175 19.33 -19.38 3.28
N ILE A 176 19.36 -18.05 3.43
CA ILE A 176 18.53 -17.18 2.59
C ILE A 176 19.37 -16.30 1.66
N PHE A 177 18.85 -16.03 0.47
CA PHE A 177 19.47 -15.04 -0.43
C PHE A 177 18.40 -14.08 -0.93
N ASN A 178 18.59 -12.78 -0.66
CA ASN A 178 17.66 -11.76 -1.12
C ASN A 178 18.09 -11.12 -2.44
N PHE A 179 17.32 -11.39 -3.51
CA PHE A 179 17.56 -10.81 -4.84
C PHE A 179 16.85 -9.47 -5.12
N GLY A 180 16.08 -9.00 -4.13
CA GLY A 180 15.59 -7.63 -4.11
C GLY A 180 14.38 -7.39 -5.00
N THR A 181 14.62 -6.66 -6.09
CA THR A 181 13.65 -6.32 -7.15
C THR A 181 12.72 -5.14 -6.84
N ASP A 182 12.98 -4.43 -5.74
CA ASP A 182 12.14 -3.29 -5.38
C ASP A 182 12.27 -2.14 -6.37
N GLU A 183 11.27 -1.26 -6.37
CA GLU A 183 11.33 0.04 -7.02
C GLU A 183 12.01 0.08 -8.40
N TYR A 184 11.49 -0.70 -9.34
CA TYR A 184 12.06 -0.78 -10.69
C TYR A 184 12.05 0.61 -11.34
N ALA A 185 13.24 1.10 -11.73
CA ALA A 185 13.38 2.34 -12.49
C ALA A 185 12.72 3.57 -11.85
N ASN A 186 12.67 3.60 -10.53
CA ASN A 186 12.02 4.72 -9.86
C ASN A 186 12.57 6.07 -10.33
N ASP A 187 13.87 6.11 -10.62
CA ASP A 187 14.55 7.35 -11.00
C ASP A 187 14.16 7.86 -12.39
N ALA A 188 13.57 7.00 -13.20
CA ALA A 188 13.31 7.28 -14.61
C ALA A 188 11.83 7.28 -14.93
N THR A 189 10.99 7.12 -13.91
CA THR A 189 9.54 7.03 -14.11
C THR A 189 8.76 7.78 -13.01
N SER A 190 9.46 8.61 -12.24
CA SER A 190 8.94 9.21 -10.99
C SER A 190 8.23 8.19 -10.09
N ALA A 191 8.95 7.09 -9.83
CA ALA A 191 8.46 6.03 -8.94
C ALA A 191 7.14 5.45 -9.40
N GLN A 192 7.04 5.15 -10.70
CA GLN A 192 5.90 4.46 -11.29
C GLN A 192 6.37 3.30 -12.15
N GLY A 193 7.48 2.68 -11.75
CA GLY A 193 8.13 1.61 -12.52
C GLY A 193 7.21 0.53 -13.04
N TRP A 194 6.32 0.02 -12.19
CA TRP A 194 5.44 -1.11 -12.55
C TRP A 194 4.40 -0.73 -13.56
N TYR A 195 3.83 0.46 -13.38
CA TYR A 195 2.93 1.04 -14.37
C TYR A 195 3.63 1.15 -15.74
N TYR A 196 4.89 1.57 -15.77
CA TYR A 196 5.63 1.69 -17.04
C TYR A 196 5.92 0.34 -17.70
N LEU A 197 6.30 -0.66 -16.89
CA LEU A 197 6.46 -2.03 -17.39
C LEU A 197 5.18 -2.56 -18.06
N LYS A 198 4.03 -2.41 -17.40
CA LYS A 198 2.78 -2.91 -17.96
C LYS A 198 2.40 -2.19 -19.26
N TRP A 199 2.57 -0.87 -19.24
CA TRP A 199 2.34 0.01 -20.38
C TRP A 199 3.12 -0.44 -21.59
N TYR A 200 4.38 -0.79 -21.37
CA TYR A 200 5.25 -1.23 -22.47
C TYR A 200 5.20 -2.74 -22.73
N GLN A 201 4.25 -3.41 -22.07
CA GLN A 201 4.14 -4.88 -22.07
C GLN A 201 5.48 -5.57 -21.74
N LEU A 202 6.18 -5.04 -20.74
CA LEU A 202 7.44 -5.61 -20.26
C LEU A 202 7.36 -6.26 -18.85
N TYR A 203 6.18 -6.25 -18.23
CA TYR A 203 6.00 -6.83 -16.87
C TYR A 203 6.17 -8.35 -16.88
N GLY A 204 5.68 -9.00 -17.93
CA GLY A 204 5.92 -10.43 -18.17
C GLY A 204 7.40 -10.77 -18.25
N LYS A 205 8.17 -9.86 -18.83
CA LYS A 205 9.61 -10.04 -18.90
C LYS A 205 10.28 -9.81 -17.55
N PHE A 206 9.72 -8.92 -16.74
CA PHE A 206 10.14 -8.80 -15.34
C PHE A 206 9.93 -10.10 -14.55
N ALA A 207 8.77 -10.73 -14.73
CA ALA A 207 8.45 -11.96 -14.02
C ALA A 207 9.38 -13.10 -14.45
N GLU A 208 9.68 -13.15 -15.75
CA GLU A 208 10.60 -14.13 -16.31
C GLU A 208 11.96 -14.04 -15.62
N TYR A 209 12.44 -12.80 -15.42
CA TYR A 209 13.70 -12.52 -14.73
C TYR A 209 13.66 -12.80 -13.21
N ALA A 210 12.55 -12.41 -12.58
CA ALA A 210 12.34 -12.66 -11.16
C ALA A 210 12.27 -14.16 -10.86
N ASN A 211 11.56 -14.90 -11.71
CA ASN A 211 11.42 -16.33 -11.57
C ASN A 211 12.77 -17.05 -11.79
N THR A 212 13.53 -16.58 -12.77
CA THR A 212 14.87 -17.08 -13.03
C THR A 212 15.77 -17.00 -11.78
N LEU A 213 15.83 -15.80 -11.17
CA LEU A 213 16.62 -15.60 -9.95
C LEU A 213 16.16 -16.46 -8.77
N ALA A 214 14.85 -16.71 -8.70
CA ALA A 214 14.26 -17.59 -7.68
C ALA A 214 14.71 -19.03 -7.91
N ALA A 215 14.60 -19.48 -9.15
CA ALA A 215 15.06 -20.81 -9.55
C ALA A 215 16.56 -21.00 -9.28
N MET A 216 17.32 -19.94 -9.53
CA MET A 216 18.76 -19.99 -9.38
C MET A 216 19.09 -20.20 -7.91
N ALA A 217 18.38 -19.47 -7.07
CA ALA A 217 18.53 -19.53 -5.62
C ALA A 217 18.29 -20.96 -5.15
N LYS A 218 17.17 -21.55 -5.59
CA LYS A 218 16.77 -22.88 -5.14
C LYS A 218 17.71 -24.00 -5.58
N GLU A 219 18.25 -23.89 -6.79
N GLU A 219 18.25 -23.90 -6.80
CA GLU A 219 19.13 -24.93 -7.34
CA GLU A 219 19.13 -24.93 -7.31
C GLU A 219 20.52 -24.92 -6.67
C GLU A 219 20.40 -24.98 -6.46
N ARG A 220 20.81 -23.82 -5.99
CA ARG A 220 22.01 -23.71 -5.16
C ARG A 220 21.70 -23.91 -3.67
N GLY A 221 20.48 -24.34 -3.36
CA GLY A 221 20.12 -24.70 -1.97
C GLY A 221 19.92 -23.47 -1.10
N LEU A 222 19.61 -22.35 -1.74
CA LEU A 222 19.33 -21.10 -1.02
C LEU A 222 17.83 -20.82 -1.10
N GLN A 223 17.23 -20.43 0.03
CA GLN A 223 15.82 -19.98 0.03
C GLN A 223 15.74 -18.59 -0.60
N PRO A 224 14.94 -18.44 -1.70
CA PRO A 224 14.91 -17.10 -2.29
C PRO A 224 14.08 -16.11 -1.48
N MET A 225 14.49 -14.85 -1.50
CA MET A 225 13.71 -13.79 -0.90
C MET A 225 13.74 -12.61 -1.87
N ALA A 226 12.64 -11.87 -1.91
CA ALA A 226 12.56 -10.64 -2.70
C ALA A 226 11.65 -9.65 -1.99
N PHE A 227 11.78 -8.36 -2.31
CA PHE A 227 10.83 -7.36 -1.81
C PHE A 227 9.50 -7.53 -2.53
N ASN A 228 8.43 -7.05 -1.91
CA ASN A 228 7.09 -7.34 -2.41
C ASN A 228 6.67 -6.60 -3.68
N ASP A 229 7.30 -5.46 -3.95
CA ASP A 229 6.87 -4.51 -5.00
C ASP A 229 6.41 -5.15 -6.32
N GLY A 230 7.27 -5.99 -6.90
CA GLY A 230 7.06 -6.45 -8.26
C GLY A 230 6.11 -7.61 -8.38
N PHE A 231 5.65 -8.15 -7.26
CA PHE A 231 4.86 -9.39 -7.27
C PHE A 231 3.36 -9.14 -7.34
N TYR A 232 2.74 -9.67 -8.38
CA TYR A 232 1.31 -9.52 -8.61
C TYR A 232 0.85 -8.09 -8.46
N TYR A 233 1.48 -7.19 -9.21
CA TYR A 233 1.19 -5.76 -9.10
C TYR A 233 -0.31 -5.53 -9.30
N GLU A 234 -0.86 -4.66 -8.46
CA GLU A 234 -2.29 -4.28 -8.50
C GLU A 234 -3.29 -5.46 -8.38
N ASP A 235 -2.89 -6.48 -7.61
CA ASP A 235 -3.69 -7.69 -7.35
C ASP A 235 -4.16 -8.41 -8.62
N LYS A 236 -3.36 -8.37 -9.69
CA LYS A 236 -3.69 -9.00 -10.96
C LYS A 236 -2.81 -10.24 -11.15
N ASP A 237 -3.31 -11.25 -11.84
CA ASP A 237 -2.55 -12.49 -11.96
C ASP A 237 -2.46 -13.05 -13.38
N ASP A 238 -2.49 -12.18 -14.39
CA ASP A 238 -2.31 -12.64 -15.76
C ASP A 238 -0.83 -12.88 -16.06
N VAL A 239 0.03 -12.42 -15.14
CA VAL A 239 1.47 -12.72 -15.14
C VAL A 239 1.78 -13.45 -13.83
N GLN A 240 2.39 -14.62 -13.94
CA GLN A 240 2.51 -15.51 -12.78
C GLN A 240 3.91 -15.49 -12.19
N PHE A 241 4.00 -15.60 -10.87
CA PHE A 241 5.30 -15.57 -10.19
C PHE A 241 5.56 -16.87 -9.43
N ASP A 242 6.84 -17.19 -9.24
CA ASP A 242 7.33 -18.34 -8.44
C ASP A 242 6.72 -18.27 -7.04
N LYS A 243 6.04 -19.33 -6.62
CA LYS A 243 5.37 -19.28 -5.31
C LYS A 243 6.30 -19.54 -4.11
N ASP A 244 7.54 -19.98 -4.36
CA ASP A 244 8.48 -20.33 -3.28
C ASP A 244 9.24 -19.17 -2.66
N VAL A 245 9.14 -17.98 -3.24
CA VAL A 245 9.87 -16.80 -2.76
C VAL A 245 9.37 -16.34 -1.38
N LEU A 246 10.28 -16.14 -0.44
CA LEU A 246 9.97 -15.48 0.83
C LEU A 246 9.83 -13.98 0.56
N ILE A 247 8.67 -13.40 0.87
CA ILE A 247 8.42 -12.01 0.48
C ILE A 247 8.79 -11.04 1.61
N SER A 248 9.76 -10.17 1.36
CA SER A 248 10.07 -9.14 2.32
C SER A 248 9.07 -8.01 2.13
N TYR A 249 8.00 -8.01 2.93
CA TYR A 249 6.89 -7.06 2.75
C TYR A 249 7.07 -5.80 3.58
N TRP A 250 7.21 -4.67 2.90
CA TRP A 250 7.51 -3.42 3.57
C TRP A 250 6.42 -2.37 3.45
N SER A 251 5.64 -2.41 2.38
CA SER A 251 4.56 -1.42 2.11
C SER A 251 3.64 -1.87 0.97
N LYS A 252 2.39 -1.40 1.01
CA LYS A 252 1.45 -1.65 -0.08
C LYS A 252 1.50 -0.50 -1.08
N GLY A 253 2.35 0.47 -0.78
CA GLY A 253 2.64 1.51 -1.74
C GLY A 253 2.00 2.83 -1.43
N TRP A 254 2.22 3.75 -2.35
CA TRP A 254 1.92 5.14 -2.19
C TRP A 254 1.00 5.48 -3.34
N TRP A 255 0.43 6.68 -3.35
N TRP A 255 0.42 6.69 -3.35
CA TRP A 255 -0.44 7.15 -4.44
CA TRP A 255 -0.58 7.01 -4.38
C TRP A 255 0.05 6.65 -5.78
C TRP A 255 -0.08 6.75 -5.77
N GLY A 256 -0.73 5.81 -6.45
CA GLY A 256 -0.35 5.33 -7.79
C GLY A 256 0.88 4.43 -7.84
N TYR A 257 1.30 3.91 -6.70
CA TYR A 257 2.30 2.84 -6.66
C TYR A 257 1.50 1.69 -6.08
N ASN A 258 0.72 1.04 -6.95
CA ASN A 258 -0.39 0.16 -6.57
C ASN A 258 -0.01 -1.30 -6.28
N LEU A 259 0.78 -1.49 -5.24
CA LEU A 259 1.32 -2.82 -4.93
C LEU A 259 0.23 -3.81 -4.52
N ALA A 260 0.52 -5.10 -4.69
CA ALA A 260 -0.35 -6.15 -4.17
C ALA A 260 -0.50 -6.00 -2.66
N SER A 261 -1.68 -6.33 -2.15
CA SER A 261 -1.89 -6.32 -0.72
C SER A 261 -1.27 -7.57 -0.12
N PRO A 262 -0.94 -7.53 1.18
CA PRO A 262 -0.49 -8.75 1.85
C PRO A 262 -1.57 -9.81 1.82
N GLN A 263 -2.84 -9.41 1.96
CA GLN A 263 -3.99 -10.33 1.83
C GLN A 263 -3.92 -11.06 0.49
N TYR A 264 -3.76 -10.31 -0.59
CA TYR A 264 -3.71 -10.90 -1.94
C TYR A 264 -2.54 -11.88 -2.12
N LEU A 265 -1.34 -11.49 -1.69
CA LEU A 265 -0.18 -12.37 -1.78
C LEU A 265 -0.29 -13.62 -0.92
N ALA A 266 -0.83 -13.49 0.30
CA ALA A 266 -1.12 -14.65 1.16
C ALA A 266 -2.03 -15.64 0.44
N SER A 267 -3.04 -15.09 -0.25
CA SER A 267 -4.00 -15.88 -1.02
C SER A 267 -3.32 -16.71 -2.13
N LYS A 268 -2.20 -16.21 -2.66
CA LYS A 268 -1.39 -16.91 -3.66
C LYS A 268 -0.40 -17.91 -3.06
N GLY A 269 -0.44 -18.09 -1.75
CA GLY A 269 0.41 -19.04 -1.03
C GLY A 269 1.70 -18.47 -0.44
N TYR A 270 1.92 -17.16 -0.53
CA TYR A 270 3.21 -16.60 -0.10
C TYR A 270 3.39 -16.53 1.40
N LYS A 271 4.65 -16.63 1.84
CA LYS A 271 5.01 -16.42 3.24
C LYS A 271 5.80 -15.12 3.36
N PHE A 272 5.71 -14.46 4.51
CA PHE A 272 6.22 -13.11 4.65
C PHE A 272 7.32 -13.01 5.69
N LEU A 273 8.33 -12.19 5.38
CA LEU A 273 9.20 -11.64 6.40
C LEU A 273 8.73 -10.20 6.60
N ASN A 274 8.16 -9.93 7.78
CA ASN A 274 7.52 -8.62 8.09
C ASN A 274 8.56 -7.51 8.20
N THR A 275 8.72 -6.77 7.11
CA THR A 275 9.77 -5.77 6.96
C THR A 275 9.14 -4.38 6.94
N ASN A 276 8.30 -4.12 7.95
CA ASN A 276 7.44 -2.94 7.94
C ASN A 276 8.19 -1.65 7.78
N GLY A 277 7.81 -0.85 6.78
CA GLY A 277 8.33 0.50 6.60
C GLY A 277 8.25 1.36 7.85
N ASP A 278 7.34 0.99 8.75
CA ASP A 278 7.20 1.67 10.05
C ASP A 278 8.51 1.67 10.83
N TRP A 279 9.33 0.64 10.62
CA TRP A 279 10.60 0.49 11.34
C TRP A 279 11.84 0.96 10.59
N TYR A 280 11.65 1.68 9.49
CA TYR A 280 12.78 2.19 8.68
C TYR A 280 13.49 3.37 9.35
N TYR A 281 14.82 3.39 9.26
CA TYR A 281 15.61 4.58 9.64
C TYR A 281 16.69 4.86 8.60
N ILE A 282 16.72 6.09 8.09
CA ILE A 282 17.75 6.55 7.16
C ILE A 282 18.77 7.32 7.98
N LEU A 283 20.04 6.90 7.88
CA LEU A 283 21.13 7.55 8.62
C LEU A 283 21.08 9.08 8.43
N GLY A 284 21.05 9.81 9.54
CA GLY A 284 21.05 11.27 9.53
C GLY A 284 19.71 11.94 9.28
N GLN A 285 18.67 11.13 9.07
CA GLN A 285 17.35 11.64 8.68
C GLN A 285 16.62 12.25 9.88
N LYS A 286 16.13 13.47 9.68
CA LYS A 286 15.41 14.23 10.68
C LYS A 286 14.03 14.56 10.12
N PRO A 287 13.08 15.00 10.98
CA PRO A 287 11.71 15.29 10.53
C PRO A 287 11.61 16.09 9.23
N GLU A 288 12.46 17.13 9.11
CA GLU A 288 12.46 18.05 7.95
C GLU A 288 12.90 17.37 6.65
N ASP A 289 13.56 16.22 6.75
CA ASP A 289 14.05 15.52 5.56
C ASP A 289 12.97 14.66 4.89
N GLY A 290 11.94 14.29 5.66
CA GLY A 290 10.85 13.45 5.14
C GLY A 290 10.55 12.24 6.03
N TRP A 291 10.26 11.10 5.40
CA TRP A 291 9.94 9.87 6.15
C TRP A 291 11.18 9.23 6.74
N TYR A 292 10.96 8.30 7.68
CA TYR A 292 11.99 7.40 8.16
C TYR A 292 13.08 8.08 8.99
N PHE A 293 12.67 9.06 9.79
CA PHE A 293 13.59 9.71 10.74
C PHE A 293 13.59 8.92 12.05
N LEU A 294 14.61 9.15 12.89
CA LEU A 294 14.86 8.29 14.05
C LEU A 294 13.76 8.23 15.10
N LYS A 295 13.29 9.40 15.54
CA LYS A 295 12.31 9.49 16.61
C LYS A 295 11.04 8.66 16.34
N LYS A 296 10.54 8.77 15.11
CA LYS A 296 9.35 8.03 14.68
C LYS A 296 9.60 6.52 14.57
N ALA A 297 10.76 6.14 14.04
CA ALA A 297 11.17 4.74 13.96
C ALA A 297 11.15 4.11 15.36
N ILE A 298 11.77 4.81 16.31
CA ILE A 298 11.80 4.38 17.70
C ILE A 298 10.39 4.24 18.30
N GLU A 299 9.53 5.23 18.05
N GLU A 299 9.52 5.22 18.04
CA GLU A 299 8.12 5.20 18.46
CA GLU A 299 8.13 5.17 18.50
C GLU A 299 7.45 3.94 17.92
C GLU A 299 7.33 4.03 17.88
N ASN A 300 7.60 3.73 16.60
CA ASN A 300 6.91 2.62 15.91
C ASN A 300 7.33 1.20 16.33
N THR A 301 8.53 1.05 16.89
CA THR A 301 8.94 -0.25 17.44
C THR A 301 8.00 -0.71 18.55
N GLY A 302 7.34 0.25 19.21
CA GLY A 302 6.31 -0.04 20.18
C GLY A 302 4.90 0.00 19.60
N LYS A 303 4.64 1.00 18.77
CA LYS A 303 3.30 1.30 18.25
C LYS A 303 2.78 0.31 17.22
N THR A 304 3.65 -0.17 16.33
CA THR A 304 3.28 -1.17 15.33
C THR A 304 3.53 -2.55 15.91
N PRO A 305 2.52 -3.45 15.91
CA PRO A 305 2.77 -4.79 16.44
C PRO A 305 3.79 -5.60 15.63
N PHE A 306 4.50 -6.50 16.31
CA PHE A 306 5.58 -7.31 15.74
C PHE A 306 5.07 -8.08 14.53
N ASN A 307 3.86 -8.59 14.62
CA ASN A 307 3.26 -9.37 13.55
C ASN A 307 2.48 -8.55 12.52
N GLN A 308 2.43 -7.22 12.69
CA GLN A 308 1.58 -6.43 11.79
C GLN A 308 2.22 -6.13 10.43
N LEU A 309 1.64 -6.67 9.36
CA LEU A 309 2.13 -6.37 8.02
C LEU A 309 1.65 -4.98 7.62
N ALA A 310 2.46 -4.26 6.85
CA ALA A 310 2.11 -2.91 6.39
C ALA A 310 0.80 -2.90 5.64
N SER A 311 0.00 -1.86 5.85
CA SER A 311 -1.36 -1.71 5.29
C SER A 311 -2.43 -2.60 5.94
N THR A 312 -2.09 -3.26 7.04
CA THR A 312 -3.05 -4.10 7.76
C THR A 312 -3.10 -3.74 9.24
N LYS A 313 -4.26 -4.03 9.85
CA LYS A 313 -4.48 -3.78 11.27
C LYS A 313 -4.49 -5.13 12.02
N TYR A 314 -3.45 -5.36 12.81
CA TYR A 314 -3.30 -6.60 13.57
C TYR A 314 -3.96 -6.44 14.94
N PRO A 315 -4.68 -7.46 15.44
CA PRO A 315 -4.85 -8.81 14.89
C PRO A 315 -6.08 -9.03 13.99
N GLU A 316 -6.86 -7.99 13.71
CA GLU A 316 -8.01 -8.11 12.79
C GLU A 316 -7.64 -8.81 11.49
N VAL A 317 -6.49 -8.42 10.93
CA VAL A 317 -5.84 -9.15 9.85
C VAL A 317 -4.66 -9.86 10.50
N ASP A 318 -4.62 -11.18 10.35
CA ASP A 318 -3.60 -12.00 10.97
C ASP A 318 -3.10 -12.98 9.92
N LEU A 319 -1.94 -12.65 9.35
CA LEU A 319 -1.34 -13.39 8.25
C LEU A 319 -0.01 -14.01 8.70
N PRO A 320 0.25 -15.26 8.29
CA PRO A 320 1.50 -15.94 8.66
C PRO A 320 2.75 -15.19 8.22
N THR A 321 3.60 -14.91 9.19
CA THR A 321 4.90 -14.34 8.94
C THR A 321 5.90 -15.33 9.50
N VAL A 322 7.12 -15.34 8.95
CA VAL A 322 8.19 -16.17 9.52
C VAL A 322 8.97 -15.38 10.58
N GLY A 323 8.65 -14.10 10.70
CA GLY A 323 9.33 -13.18 11.61
C GLY A 323 9.32 -11.75 11.09
N SER A 324 10.19 -10.92 11.66
CA SER A 324 10.18 -9.49 11.37
C SER A 324 11.58 -8.92 11.23
N MET A 325 11.68 -7.86 10.43
CA MET A 325 12.96 -7.22 10.14
C MET A 325 12.87 -5.70 10.32
N LEU A 326 13.79 -5.14 11.10
CA LEU A 326 13.94 -3.69 11.23
C LEU A 326 15.10 -3.24 10.34
N SER A 327 14.92 -2.12 9.64
CA SER A 327 15.80 -1.78 8.53
C SER A 327 16.49 -0.42 8.64
N ILE A 328 17.81 -0.45 8.46
CA ILE A 328 18.67 0.74 8.51
C ILE A 328 19.14 1.05 7.07
N TRP A 329 18.72 2.19 6.54
CA TRP A 329 19.04 2.53 5.15
C TRP A 329 20.03 3.66 5.02
N ALA A 330 20.72 3.70 3.87
CA ALA A 330 21.77 4.68 3.65
C ALA A 330 21.52 5.63 2.47
N ASP A 331 20.27 6.02 2.23
CA ASP A 331 19.88 6.89 1.10
C ASP A 331 20.83 8.04 0.80
N ARG A 332 21.31 8.70 1.85
CA ARG A 332 22.39 9.67 1.73
C ARG A 332 23.61 9.06 2.41
N PRO A 333 24.47 8.37 1.63
CA PRO A 333 25.51 7.56 2.28
C PRO A 333 26.69 8.38 2.83
N SER A 334 26.73 9.68 2.53
CA SER A 334 27.74 10.55 3.13
C SER A 334 27.41 10.86 4.59
N ALA A 335 26.16 10.59 4.99
CA ALA A 335 25.74 10.80 6.38
C ALA A 335 26.54 9.90 7.30
N GLU A 336 26.87 10.42 8.48
CA GLU A 336 27.69 9.72 9.44
C GLU A 336 26.91 8.57 10.07
N TYR A 337 27.45 7.35 9.96
CA TYR A 337 26.86 6.22 10.67
C TYR A 337 27.17 6.36 12.16
N LYS A 338 26.11 6.53 12.95
CA LYS A 338 26.23 6.61 14.39
C LYS A 338 25.67 5.33 15.01
N GLU A 339 26.59 4.43 15.31
CA GLU A 339 26.31 3.13 15.92
C GLU A 339 25.24 3.19 17.02
N GLU A 340 25.39 4.16 17.92
CA GLU A 340 24.49 4.36 19.06
C GLU A 340 23.01 4.61 18.68
N GLU A 341 22.77 5.27 17.55
CA GLU A 341 21.41 5.46 17.05
C GLU A 341 20.81 4.10 16.68
N ILE A 342 21.58 3.31 15.94
CA ILE A 342 21.14 1.99 15.47
C ILE A 342 20.91 1.05 16.65
N PHE A 343 21.77 1.16 17.65
CA PHE A 343 21.68 0.34 18.86
C PHE A 343 20.44 0.70 19.68
N GLU A 344 20.14 1.99 19.80
CA GLU A 344 18.91 2.38 20.49
C GLU A 344 17.66 1.85 19.76
N LEU A 345 17.65 1.95 18.44
CA LEU A 345 16.53 1.46 17.64
C LEU A 345 16.36 -0.05 17.80
N MET A 346 17.48 -0.78 17.67
CA MET A 346 17.48 -2.22 17.89
C MET A 346 16.99 -2.62 19.28
N THR A 347 17.47 -1.91 20.30
CA THR A 347 17.12 -2.20 21.70
C THR A 347 15.62 -1.98 21.94
N ALA A 348 15.09 -0.87 21.43
CA ALA A 348 13.66 -0.54 21.55
C ALA A 348 12.75 -1.63 20.96
N PHE A 349 13.08 -2.10 19.77
CA PHE A 349 12.33 -3.19 19.11
C PHE A 349 12.38 -4.49 19.94
N ALA A 350 13.57 -4.81 20.48
CA ALA A 350 13.71 -5.99 21.33
C ALA A 350 12.93 -5.81 22.64
N ASP A 351 13.04 -4.63 23.26
CA ASP A 351 12.37 -4.35 24.54
C ASP A 351 10.85 -4.36 24.46
N HIS A 352 10.30 -3.92 23.33
CA HIS A 352 8.85 -3.93 23.13
C HIS A 352 8.31 -5.29 22.81
N ASN A 353 9.21 -6.23 22.48
CA ASN A 353 8.81 -7.57 22.04
C ASN A 353 9.59 -8.69 22.74
N LYS A 354 9.63 -8.64 24.07
CA LYS A 354 10.49 -9.54 24.86
C LYS A 354 10.16 -11.03 24.72
N ASP A 355 8.90 -11.35 24.40
CA ASP A 355 8.46 -12.71 24.13
C ASP A 355 9.08 -13.32 22.87
N TYR A 356 9.45 -12.47 21.91
CA TYR A 356 10.01 -12.93 20.64
C TYR A 356 11.53 -13.00 20.62
N PHE A 357 12.17 -12.14 21.40
CA PHE A 357 13.62 -12.05 21.42
C PHE A 357 14.25 -12.92 22.49
N ARG A 358 15.39 -13.52 22.16
CA ARG A 358 16.15 -14.34 23.10
C ARG A 358 16.73 -13.51 24.23
N ALA A 359 16.92 -14.16 25.37
CA ALA A 359 17.77 -13.62 26.43
C ALA A 359 19.20 -13.50 25.91
N ASN A 360 20.06 -12.80 26.65
CA ASN A 360 21.45 -12.62 26.27
C ASN A 360 22.31 -13.77 26.76
N TYR A 361 22.81 -14.56 25.82
CA TYR A 361 23.56 -15.78 26.11
C TYR A 361 25.07 -15.63 26.04
N ASN A 362 25.55 -14.38 25.93
CA ASN A 362 26.99 -14.13 25.78
C ASN A 362 27.81 -14.44 27.03
N ALA A 363 27.34 -14.01 28.19
CA ALA A 363 27.99 -14.34 29.46
C ALA A 363 28.10 -15.86 29.65
N LEU A 364 27.05 -16.59 29.29
CA LEU A 364 27.06 -18.05 29.31
C LEU A 364 28.19 -18.64 28.46
N ARG A 365 28.32 -18.17 27.22
CA ARG A 365 29.37 -18.68 26.32
C ARG A 365 30.78 -18.39 26.85
N GLU A 366 30.93 -17.27 27.56
CA GLU A 366 32.19 -16.88 28.20
C GLU A 366 32.54 -17.76 29.40
N GLU A 367 31.53 -18.10 30.20
CA GLU A 367 31.74 -19.01 31.32
C GLU A 367 32.04 -20.45 30.87
N LEU A 368 31.36 -20.92 29.82
CA LEU A 368 31.61 -22.24 29.27
C LEU A 368 33.03 -22.40 28.72
N ALA A 369 33.52 -21.36 28.06
CA ALA A 369 34.87 -21.38 27.48
C ALA A 369 35.98 -21.44 28.55
N LYS A 370 35.61 -21.23 29.80
CA LYS A 370 36.56 -21.28 30.93
C LYS A 370 36.79 -22.70 31.49
N ILE A 371 35.97 -23.65 31.02
CA ILE A 371 36.13 -25.06 31.40
C ILE A 371 37.39 -25.65 30.76
N PRO A 372 38.06 -26.60 31.45
CA PRO A 372 39.30 -27.17 30.93
C PRO A 372 39.11 -28.05 29.68
N TYR A 378 41.08 -33.45 39.50
CA TYR A 378 39.98 -32.81 40.22
C TYR A 378 39.12 -33.85 40.93
N SER A 379 38.61 -33.50 42.10
CA SER A 379 37.78 -34.40 42.91
C SER A 379 36.45 -34.76 42.24
N LYS A 380 35.84 -35.85 42.70
CA LYS A 380 34.54 -36.30 42.19
C LYS A 380 33.41 -35.37 42.66
N GLU A 381 33.58 -34.76 43.83
CA GLU A 381 32.61 -33.83 44.38
C GLU A 381 32.52 -32.53 43.58
N SER A 382 33.69 -31.98 43.24
CA SER A 382 33.78 -30.75 42.44
C SER A 382 33.38 -30.95 40.98
N LEU A 383 33.62 -32.14 40.44
CA LEU A 383 33.22 -32.49 39.07
C LEU A 383 31.73 -32.75 38.98
N GLU A 384 31.16 -33.32 40.04
CA GLU A 384 29.72 -33.50 40.17
C GLU A 384 29.00 -32.14 40.20
N ALA A 385 29.62 -31.16 40.87
CA ALA A 385 29.10 -29.80 40.93
C ALA A 385 29.01 -29.15 39.54
N LEU A 386 30.07 -29.29 38.76
CA LEU A 386 30.09 -28.81 37.37
C LEU A 386 29.10 -29.57 36.48
N ASP A 387 28.90 -30.85 36.76
CA ASP A 387 27.98 -31.69 35.99
C ASP A 387 26.55 -31.14 36.03
N ALA A 388 26.04 -30.92 37.24
CA ALA A 388 24.67 -30.48 37.46
C ALA A 388 24.43 -29.03 37.01
N ALA A 389 25.40 -28.16 37.26
CA ALA A 389 25.30 -26.75 36.87
C ALA A 389 25.17 -26.61 35.35
N LYS A 390 25.89 -27.46 34.61
CA LYS A 390 25.78 -27.50 33.15
C LYS A 390 24.41 -28.05 32.74
N THR A 391 23.96 -29.09 33.44
CA THR A 391 22.65 -29.71 33.18
C THR A 391 21.51 -28.71 33.46
N ALA A 392 21.74 -27.78 34.37
CA ALA A 392 20.74 -26.81 34.81
C ALA A 392 20.56 -25.63 33.85
N LEU A 393 21.47 -25.49 32.90
CA LEU A 393 21.43 -24.42 31.90
C LEU A 393 20.20 -24.51 31.01
N ASN A 394 19.54 -23.39 30.78
CA ASN A 394 18.34 -23.32 29.94
C ASN A 394 18.65 -22.47 28.71
N TYR A 395 18.69 -23.11 27.53
CA TYR A 395 19.00 -22.41 26.28
C TYR A 395 17.77 -21.79 25.59
N ASN A 396 16.61 -21.94 26.22
CA ASN A 396 15.34 -21.56 25.61
C ASN A 396 14.69 -20.30 26.19
N LEU A 397 15.47 -19.48 26.88
CA LEU A 397 14.92 -18.32 27.59
C LEU A 397 14.80 -17.08 26.69
N ASN A 398 13.67 -16.38 26.84
CA ASN A 398 13.44 -15.15 26.08
C ASN A 398 13.91 -13.93 26.87
N ARG A 399 13.78 -12.75 26.27
CA ARG A 399 14.28 -11.50 26.87
C ARG A 399 13.59 -11.11 28.22
N ASN A 400 12.44 -11.70 28.51
CA ASN A 400 11.79 -11.51 29.82
C ASN A 400 12.55 -12.13 30.97
N LYS A 401 13.45 -13.06 30.66
CA LYS A 401 14.04 -13.93 31.68
C LYS A 401 15.57 -13.83 31.80
N GLN A 402 16.10 -12.62 31.70
CA GLN A 402 17.54 -12.41 31.85
C GLN A 402 18.03 -12.73 33.26
N ALA A 403 17.35 -12.19 34.26
CA ALA A 403 17.67 -12.43 35.66
C ALA A 403 17.77 -13.94 35.93
N GLU A 404 16.80 -14.68 35.41
CA GLU A 404 16.72 -16.13 35.57
C GLU A 404 17.92 -16.83 34.91
N LEU A 405 18.27 -16.43 33.69
CA LEU A 405 19.47 -16.94 33.02
C LEU A 405 20.75 -16.58 33.78
N ASP A 406 20.83 -15.34 34.26
CA ASP A 406 22.00 -14.87 35.00
C ASP A 406 22.28 -15.71 36.24
N THR A 407 21.23 -16.07 36.98
CA THR A 407 21.33 -16.96 38.14
C THR A 407 21.91 -18.32 37.74
N LEU A 408 21.46 -18.84 36.60
CA LEU A 408 21.96 -20.11 36.08
C LEU A 408 23.43 -20.02 35.72
N VAL A 409 23.85 -18.89 35.13
CA VAL A 409 25.26 -18.67 34.80
C VAL A 409 26.10 -18.50 36.06
N ALA A 410 25.57 -17.73 37.03
CA ALA A 410 26.24 -17.53 38.32
C ALA A 410 26.51 -18.85 39.04
N ASN A 411 25.52 -19.75 39.04
CA ASN A 411 25.68 -21.10 39.58
C ASN A 411 26.75 -21.90 38.84
N LEU A 412 26.86 -21.68 37.54
CA LEU A 412 27.90 -22.32 36.73
C LEU A 412 29.29 -21.78 37.10
N LYS A 413 29.39 -20.46 37.26
CA LYS A 413 30.64 -19.81 37.67
C LYS A 413 31.16 -20.38 38.99
N ALA A 414 30.29 -20.45 39.99
CA ALA A 414 30.61 -21.03 41.30
C ALA A 414 31.13 -22.46 41.21
N ALA A 415 30.50 -23.27 40.36
CA ALA A 415 30.98 -24.62 40.07
C ALA A 415 32.25 -24.56 39.23
N GLY B 1 4.45 10.07 -21.16
CA GLY B 1 4.24 11.55 -21.07
C GLY B 1 2.84 11.95 -20.64
N SER B 2 2.29 12.91 -21.34
CA SER B 2 0.99 13.46 -20.96
C SER B 2 -0.16 12.54 -21.38
N HIS B 3 -0.03 11.89 -22.53
CA HIS B 3 -0.96 10.85 -22.96
C HIS B 3 -1.13 9.80 -21.88
N MET B 4 -0.01 9.39 -21.31
CA MET B 4 0.01 8.43 -20.22
C MET B 4 -0.58 9.00 -18.92
N GLU B 5 -0.20 10.24 -18.59
CA GLU B 5 -0.72 10.95 -17.41
C GLU B 5 -2.25 11.05 -17.44
N LYS B 6 -2.78 11.43 -18.60
CA LYS B 6 -4.23 11.58 -18.78
C LYS B 6 -5.00 10.29 -18.51
N LEU B 7 -4.54 9.19 -19.11
CA LEU B 7 -5.19 7.89 -18.94
C LEU B 7 -5.05 7.32 -17.54
N ALA B 8 -4.04 7.78 -16.81
CA ALA B 8 -3.80 7.33 -15.44
C ALA B 8 -4.71 8.02 -14.42
N LYS B 9 -5.30 9.16 -14.82
CA LYS B 9 -6.24 9.86 -13.95
C LYS B 9 -7.51 9.04 -13.70
N ASN B 10 -8.10 9.20 -12.53
CA ASN B 10 -9.40 8.60 -12.23
C ASN B 10 -10.55 9.21 -13.05
N LYS B 11 -11.37 8.37 -13.66
CA LYS B 11 -12.64 8.78 -14.28
C LYS B 11 -13.75 8.01 -13.58
N VAL B 12 -14.54 8.73 -12.80
CA VAL B 12 -15.43 8.09 -11.84
C VAL B 12 -16.88 8.46 -12.13
N ILE B 13 -17.77 7.46 -12.04
CA ILE B 13 -19.21 7.69 -11.98
C ILE B 13 -19.69 7.41 -10.56
N SER B 14 -20.40 8.36 -9.96
CA SER B 14 -20.91 8.20 -8.60
C SER B 14 -22.40 7.90 -8.62
N ILE B 15 -22.82 6.88 -7.86
CA ILE B 15 -24.22 6.48 -7.77
C ILE B 15 -24.70 6.53 -6.31
N ASP B 16 -25.73 7.33 -6.06
CA ASP B 16 -26.30 7.47 -4.72
C ASP B 16 -27.21 6.27 -4.41
N ALA B 17 -26.59 5.15 -4.00
CA ALA B 17 -27.33 3.96 -3.58
C ALA B 17 -27.47 3.92 -2.06
N GLY B 18 -27.38 5.09 -1.45
CA GLY B 18 -27.64 5.26 -0.03
C GLY B 18 -29.08 5.65 0.19
N ARG B 19 -29.53 6.71 -0.49
CA ARG B 19 -30.91 7.14 -0.38
C ARG B 19 -31.86 6.18 -1.11
N LYS B 20 -31.38 5.60 -2.21
CA LYS B 20 -32.24 4.78 -3.09
C LYS B 20 -31.65 3.39 -3.32
N TYR B 21 -32.52 2.37 -3.42
CA TYR B 21 -32.05 0.99 -3.66
C TYR B 21 -31.75 0.71 -5.13
N PHE B 22 -30.57 0.15 -5.39
CA PHE B 22 -30.21 -0.32 -6.72
C PHE B 22 -29.98 -1.82 -6.59
N THR B 23 -30.54 -2.62 -7.52
CA THR B 23 -30.27 -4.06 -7.55
C THR B 23 -28.85 -4.29 -8.02
N LEU B 24 -28.28 -5.44 -7.66
CA LEU B 24 -26.95 -5.83 -8.15
C LEU B 24 -26.87 -5.72 -9.68
N ASN B 25 -27.85 -6.26 -10.38
CA ASN B 25 -27.90 -6.20 -11.84
C ASN B 25 -27.86 -4.79 -12.42
N GLN B 26 -28.57 -3.87 -11.77
CA GLN B 26 -28.54 -2.47 -12.18
C GLN B 26 -27.13 -1.90 -12.03
N LEU B 27 -26.46 -2.26 -10.93
CA LEU B 27 -25.10 -1.77 -10.69
C LEU B 27 -24.06 -2.40 -11.62
N LYS B 28 -24.24 -3.68 -11.93
CA LYS B 28 -23.39 -4.39 -12.90
C LYS B 28 -23.49 -3.74 -14.29
N ARG B 29 -24.71 -3.37 -14.69
CA ARG B 29 -24.94 -2.65 -15.96
C ARG B 29 -24.32 -1.26 -15.97
N ILE B 30 -24.25 -0.62 -14.81
CA ILE B 30 -23.52 0.66 -14.68
C ILE B 30 -22.02 0.43 -14.88
N VAL B 31 -21.48 -0.59 -14.21
CA VAL B 31 -20.09 -1.03 -14.38
C VAL B 31 -19.75 -1.31 -15.87
N ASP B 32 -20.68 -1.99 -16.55
CA ASP B 32 -20.58 -2.31 -17.97
C ASP B 32 -20.44 -1.08 -18.85
N LYS B 33 -21.36 -0.14 -18.67
CA LYS B 33 -21.34 1.13 -19.40
C LYS B 33 -20.10 1.94 -19.04
N ALA B 34 -19.69 1.89 -17.77
CA ALA B 34 -18.47 2.56 -17.31
C ALA B 34 -17.25 2.02 -18.04
N SER B 35 -17.14 0.70 -18.12
CA SER B 35 -16.06 0.05 -18.85
C SER B 35 -16.06 0.34 -20.35
N GLU B 36 -17.24 0.31 -20.98
CA GLU B 36 -17.39 0.64 -22.39
C GLU B 36 -16.91 2.05 -22.72
N LEU B 37 -17.28 3.01 -21.87
CA LEU B 37 -17.03 4.42 -22.12
C LEU B 37 -15.62 4.87 -21.70
N GLY B 38 -14.91 4.00 -20.99
CA GLY B 38 -13.53 4.29 -20.59
C GLY B 38 -13.33 4.89 -19.22
N TYR B 39 -14.33 4.78 -18.35
CA TYR B 39 -14.21 5.14 -16.93
C TYR B 39 -13.24 4.21 -16.20
N SER B 40 -12.74 4.64 -15.04
CA SER B 40 -11.84 3.80 -14.25
C SER B 40 -12.47 3.25 -12.97
N ASP B 41 -13.52 3.90 -12.46
CA ASP B 41 -14.08 3.57 -11.16
C ASP B 41 -15.59 3.85 -11.08
N VAL B 42 -16.27 3.08 -10.23
CA VAL B 42 -17.61 3.42 -9.78
C VAL B 42 -17.57 3.78 -8.29
N HIS B 43 -18.00 4.99 -7.98
CA HIS B 43 -18.14 5.47 -6.61
C HIS B 43 -19.52 5.13 -6.16
N LEU B 44 -19.60 4.30 -5.11
CA LEU B 44 -20.88 3.79 -4.65
C LEU B 44 -21.18 4.21 -3.21
N LEU B 45 -22.13 5.13 -3.06
CA LEU B 45 -22.62 5.50 -1.74
C LEU B 45 -23.53 4.38 -1.23
N LEU B 46 -23.17 3.83 -0.09
CA LEU B 46 -23.94 2.73 0.48
C LEU B 46 -24.66 3.21 1.73
N GLY B 47 -23.98 4.09 2.46
CA GLY B 47 -24.59 4.84 3.54
C GLY B 47 -24.61 6.31 3.16
N ASN B 48 -25.82 6.86 3.04
CA ASN B 48 -26.07 8.26 2.69
C ASN B 48 -27.57 8.44 2.87
N ASP B 49 -27.93 8.98 4.05
CA ASP B 49 -29.30 8.98 4.59
C ASP B 49 -29.77 7.56 4.93
N GLY B 50 -30.12 6.76 3.92
CA GLY B 50 -30.38 5.35 4.15
C GLY B 50 -29.06 4.62 4.30
N LEU B 51 -29.08 3.44 4.90
CA LEU B 51 -27.90 2.58 4.93
C LEU B 51 -28.28 1.27 4.25
N ARG B 52 -27.77 1.07 3.05
CA ARG B 52 -28.26 0.00 2.19
C ARG B 52 -27.20 -1.06 1.91
N PHE B 53 -26.45 -1.40 2.95
CA PHE B 53 -25.45 -2.48 2.87
C PHE B 53 -25.36 -3.19 4.22
N LEU B 54 -25.66 -4.48 4.21
CA LEU B 54 -25.50 -5.33 5.38
C LEU B 54 -24.46 -6.41 5.14
N LEU B 55 -23.47 -6.48 6.03
CA LEU B 55 -22.49 -7.56 6.04
C LEU B 55 -23.13 -8.80 6.62
N ASP B 56 -22.50 -9.96 6.40
CA ASP B 56 -22.99 -11.22 6.94
C ASP B 56 -22.96 -11.23 8.47
N ASP B 57 -21.87 -10.71 9.05
CA ASP B 57 -21.76 -10.51 10.49
C ASP B 57 -21.74 -9.03 10.86
N MET B 58 -22.78 -8.59 11.55
CA MET B 58 -22.91 -7.20 11.92
C MET B 58 -22.77 -6.99 13.43
N THR B 59 -22.04 -7.88 14.09
CA THR B 59 -21.83 -7.79 15.54
C THR B 59 -20.95 -6.57 15.84
N ILE B 60 -21.38 -5.75 16.80
CA ILE B 60 -20.63 -4.55 17.17
C ILE B 60 -20.23 -4.57 18.64
N THR B 61 -18.96 -4.27 18.91
CA THR B 61 -18.51 -4.01 20.28
C THR B 61 -18.13 -2.54 20.46
N ALA B 62 -18.83 -1.87 21.37
CA ALA B 62 -18.56 -0.48 21.74
C ALA B 62 -19.24 -0.17 23.06
N ASN B 63 -18.71 0.81 23.78
CA ASN B 63 -19.31 1.28 25.03
C ASN B 63 -19.29 0.22 26.13
N GLY B 64 -18.30 -0.66 26.06
CA GLY B 64 -18.14 -1.76 27.01
C GLY B 64 -19.09 -2.92 26.79
N LYS B 65 -19.76 -2.96 25.65
CA LYS B 65 -20.69 -4.07 25.41
C LYS B 65 -20.85 -4.50 23.96
N THR B 66 -21.66 -5.54 23.75
CA THR B 66 -21.85 -6.08 22.41
C THR B 66 -23.30 -5.98 21.97
N TYR B 67 -23.48 -5.65 20.70
CA TYR B 67 -24.77 -5.63 20.07
C TYR B 67 -24.74 -6.77 19.07
N ALA B 68 -25.61 -7.75 19.28
CA ALA B 68 -25.64 -8.97 18.48
C ALA B 68 -25.90 -8.66 17.00
N SER B 69 -25.36 -9.48 16.11
CA SER B 69 -25.55 -9.29 14.66
C SER B 69 -27.00 -9.13 14.21
N ASP B 70 -27.88 -10.01 14.68
CA ASP B 70 -29.30 -9.99 14.28
C ASP B 70 -30.01 -8.71 14.74
N ASP B 71 -29.67 -8.22 15.92
CA ASP B 71 -30.22 -6.97 16.45
C ASP B 71 -29.78 -5.74 15.64
N VAL B 72 -28.49 -5.67 15.33
CA VAL B 72 -27.91 -4.60 14.49
C VAL B 72 -28.56 -4.57 13.09
N LYS B 73 -28.66 -5.73 12.45
CA LYS B 73 -29.33 -5.86 11.15
C LYS B 73 -30.79 -5.36 11.21
N LYS B 74 -31.56 -5.90 12.14
CA LYS B 74 -32.93 -5.46 12.40
C LYS B 74 -33.03 -3.94 12.59
N ALA B 75 -32.14 -3.39 13.42
CA ALA B 75 -32.14 -1.96 13.71
C ALA B 75 -31.85 -1.11 12.46
N ILE B 76 -30.84 -1.51 11.69
CA ILE B 76 -30.45 -0.82 10.47
C ILE B 76 -31.54 -0.86 9.39
N ILE B 77 -32.18 -2.02 9.24
CA ILE B 77 -33.29 -2.15 8.29
C ILE B 77 -34.41 -1.17 8.66
N GLU B 78 -34.77 -1.11 9.94
CA GLU B 78 -35.79 -0.17 10.43
C GLU B 78 -35.40 1.28 10.22
N GLY B 79 -34.13 1.61 10.52
CA GLY B 79 -33.61 2.95 10.26
C GLY B 79 -33.65 3.32 8.78
N THR B 80 -33.33 2.36 7.91
CA THR B 80 -33.34 2.61 6.48
C THR B 80 -34.77 2.74 5.94
N LYS B 81 -35.66 1.87 6.38
CA LYS B 81 -37.07 1.94 6.02
C LYS B 81 -37.74 3.20 6.59
N ALA B 82 -37.27 3.67 7.75
CA ALA B 82 -37.73 4.95 8.32
C ALA B 82 -37.33 6.14 7.46
N TYR B 83 -36.13 6.07 6.87
CA TYR B 83 -35.73 7.10 5.92
C TYR B 83 -36.56 7.03 4.63
N TYR B 84 -36.61 5.86 4.00
CA TYR B 84 -37.41 5.63 2.79
C TYR B 84 -37.61 4.14 2.56
N ASP B 85 -38.87 3.72 2.62
CA ASP B 85 -39.21 2.31 2.46
C ASP B 85 -39.36 1.95 0.99
N ASP B 86 -38.21 1.84 0.31
CA ASP B 86 -38.15 1.58 -1.13
C ASP B 86 -38.84 0.26 -1.52
N PRO B 87 -39.83 0.32 -2.44
CA PRO B 87 -40.50 -0.93 -2.82
C PRO B 87 -39.60 -1.87 -3.65
N ASN B 88 -38.50 -1.35 -4.19
CA ASN B 88 -37.58 -2.14 -5.00
C ASN B 88 -36.58 -2.97 -4.19
N GLY B 89 -36.45 -2.65 -2.91
CA GLY B 89 -35.52 -3.37 -2.01
C GLY B 89 -35.00 -2.47 -0.91
N THR B 90 -34.28 -3.05 0.03
CA THR B 90 -33.80 -2.31 1.20
C THR B 90 -32.28 -2.16 1.19
N ALA B 91 -31.56 -3.27 1.25
CA ALA B 91 -30.10 -3.25 1.41
C ALA B 91 -29.44 -4.32 0.56
N LEU B 92 -28.21 -4.04 0.12
CA LEU B 92 -27.41 -5.04 -0.59
C LEU B 92 -26.81 -5.99 0.44
N THR B 93 -26.56 -7.24 0.01
CA THR B 93 -25.92 -8.24 0.87
C THR B 93 -24.42 -8.26 0.64
N GLN B 94 -23.71 -8.95 1.52
CA GLN B 94 -22.25 -9.04 1.43
C GLN B 94 -21.85 -9.76 0.15
N ALA B 95 -22.61 -10.79 -0.20
CA ALA B 95 -22.39 -11.60 -1.40
C ALA B 95 -22.58 -10.79 -2.67
N GLU B 96 -23.59 -9.93 -2.69
CA GLU B 96 -23.85 -9.06 -3.83
C GLU B 96 -22.75 -8.01 -4.05
N VAL B 97 -22.34 -7.32 -2.99
CA VAL B 97 -21.24 -6.36 -3.09
C VAL B 97 -19.91 -7.04 -3.44
N THR B 98 -19.65 -8.21 -2.86
CA THR B 98 -18.46 -9.01 -3.22
C THR B 98 -18.45 -9.35 -4.71
N GLU B 99 -19.61 -9.74 -5.25
N GLU B 99 -19.60 -9.77 -5.24
CA GLU B 99 -19.75 -10.09 -6.67
CA GLU B 99 -19.76 -10.07 -6.66
C GLU B 99 -19.64 -8.88 -7.61
C GLU B 99 -19.50 -8.84 -7.52
N LEU B 100 -20.11 -7.71 -7.14
CA LEU B 100 -19.97 -6.46 -7.91
C LEU B 100 -18.50 -6.04 -7.99
N ILE B 101 -17.80 -6.07 -6.86
CA ILE B 101 -16.37 -5.74 -6.81
C ILE B 101 -15.54 -6.60 -7.77
N GLU B 102 -15.73 -7.92 -7.73
N GLU B 102 -15.74 -7.92 -7.70
CA GLU B 102 -14.97 -8.80 -8.60
CA GLU B 102 -15.07 -8.88 -8.56
C GLU B 102 -15.37 -8.68 -10.06
C GLU B 102 -15.38 -8.62 -10.03
N TYR B 103 -16.67 -8.45 -10.32
CA TYR B 103 -17.15 -8.19 -11.68
C TYR B 103 -16.52 -6.91 -12.25
N ALA B 104 -16.53 -5.85 -11.46
CA ALA B 104 -15.86 -4.60 -11.83
C ALA B 104 -14.37 -4.83 -12.06
N LYS B 105 -13.74 -5.62 -11.19
CA LYS B 105 -12.30 -5.92 -11.31
C LYS B 105 -11.98 -6.60 -12.64
N SER B 106 -12.85 -7.50 -13.09
CA SER B 106 -12.65 -8.22 -14.36
C SER B 106 -12.75 -7.29 -15.57
N LYS B 107 -13.34 -6.12 -15.36
CA LYS B 107 -13.46 -5.08 -16.38
C LYS B 107 -12.47 -3.92 -16.19
N ASP B 108 -11.48 -4.09 -15.32
CA ASP B 108 -10.54 -3.00 -14.96
C ASP B 108 -11.25 -1.77 -14.36
N ILE B 109 -12.35 -2.02 -13.64
CA ILE B 109 -13.11 -0.97 -12.96
C ILE B 109 -12.94 -1.17 -11.45
N GLY B 110 -12.50 -0.12 -10.76
CA GLY B 110 -12.46 -0.17 -9.31
C GLY B 110 -13.78 0.25 -8.69
N LEU B 111 -13.96 -0.10 -7.43
CA LEU B 111 -15.09 0.37 -6.65
C LEU B 111 -14.59 1.29 -5.53
N ILE B 112 -15.25 2.43 -5.37
CA ILE B 112 -15.00 3.28 -4.22
C ILE B 112 -16.28 3.36 -3.41
N PRO B 113 -16.34 2.64 -2.28
CA PRO B 113 -17.51 2.75 -1.41
C PRO B 113 -17.55 4.04 -0.59
N ALA B 114 -18.76 4.52 -0.30
CA ALA B 114 -18.96 5.60 0.68
C ALA B 114 -19.98 5.20 1.74
N ILE B 115 -19.62 5.42 3.00
CA ILE B 115 -20.53 5.30 4.15
C ILE B 115 -20.45 6.62 4.90
N ASN B 116 -21.50 7.43 4.80
CA ASN B 116 -21.51 8.81 5.29
C ASN B 116 -21.72 8.96 6.80
N SER B 117 -20.97 9.89 7.40
CA SER B 117 -21.16 10.35 8.79
C SER B 117 -20.31 11.61 8.98
N PRO B 118 -20.55 12.41 10.04
CA PRO B 118 -21.65 12.36 11.02
C PRO B 118 -22.96 12.99 10.52
N GLY B 119 -22.98 13.44 9.27
CA GLY B 119 -24.20 13.92 8.65
C GLY B 119 -24.69 12.82 7.71
N HIS B 120 -25.83 13.04 7.07
CA HIS B 120 -26.37 12.06 6.11
C HIS B 120 -26.41 10.64 6.65
N MET B 121 -26.90 10.51 7.88
CA MET B 121 -26.91 9.21 8.57
C MET B 121 -28.24 8.95 9.30
N ASP B 122 -29.34 9.31 8.63
CA ASP B 122 -30.69 9.09 9.18
C ASP B 122 -30.88 7.65 9.68
N ALA B 123 -30.44 6.69 8.89
CA ALA B 123 -30.69 5.29 9.17
C ALA B 123 -29.93 4.84 10.41
N MET B 124 -28.69 5.30 10.55
CA MET B 124 -27.85 4.95 11.70
C MET B 124 -28.40 5.50 13.01
N LEU B 125 -28.84 6.76 13.00
CA LEU B 125 -29.41 7.39 14.19
C LEU B 125 -30.64 6.63 14.75
N VAL B 126 -31.55 6.23 13.87
CA VAL B 126 -32.72 5.43 14.24
C VAL B 126 -32.31 4.01 14.69
N ALA B 127 -31.40 3.40 13.92
CA ALA B 127 -30.83 2.11 14.29
C ALA B 127 -30.31 2.14 15.72
N MET B 128 -29.55 3.18 16.05
CA MET B 128 -29.00 3.30 17.40
C MET B 128 -30.08 3.40 18.47
N GLU B 129 -31.11 4.20 18.20
CA GLU B 129 -32.27 4.30 19.12
C GLU B 129 -32.95 2.95 19.33
N LYS B 130 -33.06 2.16 18.28
CA LYS B 130 -33.63 0.82 18.39
C LYS B 130 -32.72 -0.13 19.18
N LEU B 131 -31.44 0.22 19.28
CA LEU B 131 -30.47 -0.57 20.03
C LEU B 131 -30.27 -0.04 21.44
N GLY B 132 -31.04 0.97 21.82
CA GLY B 132 -31.02 1.49 23.18
C GLY B 132 -30.07 2.66 23.37
N ILE B 133 -29.59 3.23 22.27
CA ILE B 133 -28.70 4.38 22.36
C ILE B 133 -29.57 5.62 22.18
N LYS B 134 -29.81 6.31 23.29
CA LYS B 134 -30.76 7.43 23.33
C LYS B 134 -30.16 8.74 22.86
N ASN B 135 -30.97 9.51 22.16
CA ASN B 135 -30.60 10.83 21.63
C ASN B 135 -29.24 10.90 20.92
N PRO B 136 -29.04 10.07 19.89
CA PRO B 136 -27.81 10.16 19.10
C PRO B 136 -27.77 11.39 18.19
N GLN B 137 -28.88 12.12 18.10
CA GLN B 137 -29.02 13.21 17.13
C GLN B 137 -28.43 14.52 17.62
N ALA B 138 -27.78 15.25 16.72
CA ALA B 138 -27.40 16.62 16.95
C ALA B 138 -28.67 17.46 17.14
N HIS B 139 -28.57 18.53 17.92
CA HIS B 139 -29.74 19.30 18.29
C HIS B 139 -29.41 20.77 18.24
N PHE B 140 -29.94 21.44 17.23
CA PHE B 140 -29.65 22.88 17.03
C PHE B 140 -30.93 23.74 17.06
N ASP B 141 -31.35 24.31 15.92
CA ASP B 141 -32.63 25.03 15.87
C ASP B 141 -33.77 24.06 16.13
N LYS B 142 -33.44 22.77 16.00
CA LYS B 142 -34.36 21.66 16.19
C LYS B 142 -33.54 20.37 16.30
N VAL B 143 -34.21 19.27 16.65
CA VAL B 143 -33.52 17.97 16.70
C VAL B 143 -33.31 17.47 15.27
N SER B 144 -32.05 17.20 14.93
CA SER B 144 -31.69 16.80 13.57
C SER B 144 -32.21 15.40 13.27
N LYS B 145 -32.58 15.17 12.02
CA LYS B 145 -32.94 13.82 11.57
C LYS B 145 -31.81 13.20 10.75
N THR B 146 -30.73 13.95 10.54
CA THR B 146 -29.64 13.49 9.67
C THR B 146 -28.31 13.31 10.36
N THR B 147 -28.13 13.99 11.49
CA THR B 147 -26.80 14.26 12.01
C THR B 147 -26.60 13.87 13.47
N MET B 148 -25.42 13.33 13.75
CA MET B 148 -25.03 12.89 15.08
C MET B 148 -24.46 14.03 15.93
N ASP B 149 -24.83 13.99 17.21
CA ASP B 149 -24.31 14.87 18.25
C ASP B 149 -22.89 14.46 18.58
N LEU B 150 -21.94 15.34 18.28
CA LEU B 150 -20.51 15.07 18.47
C LEU B 150 -20.06 14.97 19.93
N LYS B 151 -20.98 15.24 20.86
CA LYS B 151 -20.65 15.12 22.28
C LYS B 151 -21.36 13.94 22.94
N ASN B 152 -22.10 13.16 22.15
CA ASN B 152 -22.66 11.92 22.64
C ASN B 152 -21.70 10.76 22.37
N GLU B 153 -20.85 10.46 23.35
CA GLU B 153 -19.82 9.42 23.22
C GLU B 153 -20.39 8.03 22.89
N GLU B 154 -21.52 7.68 23.51
CA GLU B 154 -22.16 6.39 23.25
C GLU B 154 -22.51 6.21 21.78
N ALA B 155 -23.05 7.26 21.18
CA ALA B 155 -23.42 7.28 19.77
C ALA B 155 -22.18 7.19 18.90
N MET B 156 -21.20 8.02 19.22
CA MET B 156 -19.95 8.12 18.46
C MET B 156 -19.16 6.83 18.52
N ASN B 157 -19.14 6.20 19.70
CA ASN B 157 -18.45 4.93 19.87
C ASN B 157 -19.07 3.84 19.02
N PHE B 158 -20.40 3.80 19.01
CA PHE B 158 -21.09 2.84 18.16
C PHE B 158 -20.78 3.06 16.68
N VAL B 159 -20.82 4.33 16.25
CA VAL B 159 -20.65 4.66 14.84
C VAL B 159 -19.25 4.34 14.33
N LYS B 160 -18.23 4.74 15.09
CA LYS B 160 -16.84 4.39 14.79
C LYS B 160 -16.64 2.89 14.62
N ALA B 161 -17.23 2.11 15.54
CA ALA B 161 -17.17 0.66 15.50
C ALA B 161 -17.83 0.15 14.23
N LEU B 162 -19.03 0.63 13.98
CA LEU B 162 -19.79 0.28 12.77
C LEU B 162 -19.01 0.59 11.49
N ILE B 163 -18.41 1.78 11.41
N ILE B 163 -18.45 1.79 11.44
CA ILE B 163 -17.66 2.13 10.21
CA ILE B 163 -17.61 2.24 10.32
C ILE B 163 -16.32 1.41 10.13
C ILE B 163 -16.41 1.32 10.14
N GLY B 164 -15.79 0.97 11.27
CA GLY B 164 -14.63 0.07 11.29
C GLY B 164 -14.95 -1.30 10.70
N LYS B 165 -16.08 -1.85 11.08
CA LYS B 165 -16.53 -3.11 10.48
C LYS B 165 -16.72 -3.01 8.96
N TYR B 166 -17.37 -1.96 8.47
CA TYR B 166 -17.47 -1.75 7.02
C TYR B 166 -16.07 -1.64 6.37
N MET B 167 -15.17 -0.87 7.00
CA MET B 167 -13.79 -0.73 6.54
C MET B 167 -13.03 -2.08 6.52
N ASP B 168 -13.31 -2.92 7.52
CA ASP B 168 -12.76 -4.28 7.60
C ASP B 168 -13.13 -5.12 6.38
N PHE B 169 -14.36 -5.01 5.92
CA PHE B 169 -14.78 -5.70 4.69
C PHE B 169 -14.08 -5.17 3.42
N PHE B 170 -13.96 -3.85 3.27
CA PHE B 170 -13.35 -3.28 2.06
C PHE B 170 -11.83 -3.30 2.03
N ALA B 171 -11.20 -3.52 3.19
CA ALA B 171 -9.75 -3.68 3.24
C ALA B 171 -9.33 -4.78 2.29
N GLY B 172 -8.48 -4.42 1.33
CA GLY B 172 -7.98 -5.37 0.36
C GLY B 172 -8.94 -5.71 -0.77
N LYS B 173 -10.10 -5.07 -0.81
CA LYS B 173 -11.03 -5.23 -1.94
C LYS B 173 -11.09 -3.95 -2.79
N THR B 174 -10.91 -2.79 -2.14
CA THR B 174 -10.90 -1.49 -2.80
C THR B 174 -9.65 -0.73 -2.36
N LYS B 175 -9.26 0.33 -3.08
CA LYS B 175 -8.14 1.18 -2.64
C LYS B 175 -8.66 2.28 -1.76
N ILE B 176 -9.83 2.80 -2.09
CA ILE B 176 -10.36 4.02 -1.44
C ILE B 176 -11.61 3.73 -0.63
N PHE B 177 -11.79 4.50 0.43
CA PHE B 177 -13.01 4.48 1.22
C PHE B 177 -13.42 5.92 1.51
N ASN B 178 -14.64 6.28 1.10
CA ASN B 178 -15.14 7.63 1.32
C ASN B 178 -15.98 7.74 2.61
N PHE B 179 -15.45 8.44 3.61
CA PHE B 179 -16.17 8.63 4.89
C PHE B 179 -17.07 9.89 4.94
N GLY B 180 -17.14 10.61 3.81
CA GLY B 180 -18.15 11.64 3.60
C GLY B 180 -17.90 12.95 4.30
N THR B 181 -18.75 13.24 5.31
CA THR B 181 -18.68 14.40 6.22
C THR B 181 -19.28 15.70 5.70
N ASP B 182 -19.92 15.65 4.52
CA ASP B 182 -20.54 16.84 3.95
C ASP B 182 -21.76 17.31 4.75
N GLU B 183 -22.11 18.58 4.57
CA GLU B 183 -23.40 19.14 4.99
C GLU B 183 -23.84 18.79 6.42
N TYR B 184 -22.97 19.05 7.40
CA TYR B 184 -23.25 18.68 8.80
C TYR B 184 -24.54 19.37 9.28
N ALA B 185 -25.52 18.57 9.71
CA ALA B 185 -26.78 19.07 10.29
C ALA B 185 -27.50 20.13 9.45
N ASN B 186 -27.49 19.97 8.13
CA ASN B 186 -28.12 20.96 7.27
C ASN B 186 -29.60 21.15 7.61
N ASP B 187 -30.24 20.05 8.02
CA ASP B 187 -31.68 20.05 8.31
C ASP B 187 -32.04 20.78 9.61
N ALA B 188 -31.06 20.98 10.48
CA ALA B 188 -31.31 21.54 11.80
C ALA B 188 -30.71 22.94 12.00
N THR B 189 -30.13 23.50 10.93
CA THR B 189 -29.42 24.77 11.03
C THR B 189 -29.62 25.63 9.77
N SER B 190 -30.59 25.27 8.93
CA SER B 190 -30.78 25.87 7.60
C SER B 190 -29.50 25.90 6.77
N ALA B 191 -28.85 24.73 6.70
CA ALA B 191 -27.63 24.53 5.92
C ALA B 191 -26.55 25.53 6.32
N GLN B 192 -26.33 25.64 7.64
CA GLN B 192 -25.27 26.47 8.21
C GLN B 192 -24.47 25.69 9.27
N GLY B 193 -24.36 24.38 9.07
CA GLY B 193 -23.73 23.49 10.07
C GLY B 193 -22.40 23.94 10.65
N TRP B 194 -21.51 24.41 9.79
CA TRP B 194 -20.15 24.76 10.19
C TRP B 194 -20.08 26.01 11.04
N TYR B 195 -20.82 27.03 10.64
CA TYR B 195 -21.04 28.21 11.47
C TYR B 195 -21.54 27.79 12.86
N TYR B 196 -22.53 26.91 12.92
CA TYR B 196 -23.08 26.41 14.20
C TYR B 196 -22.07 25.66 15.06
N LEU B 197 -21.31 24.75 14.45
CA LEU B 197 -20.20 24.10 15.13
C LEU B 197 -19.21 25.09 15.74
N LYS B 198 -18.84 26.13 14.99
CA LYS B 198 -17.90 27.14 15.49
C LYS B 198 -18.50 27.96 16.63
N TRP B 199 -19.75 28.37 16.45
CA TRP B 199 -20.53 29.09 17.47
C TRP B 199 -20.53 28.36 18.78
N TYR B 200 -20.75 27.05 18.73
CA TYR B 200 -20.84 26.23 19.93
C TYR B 200 -19.52 25.58 20.33
N GLN B 201 -18.42 26.06 19.73
CA GLN B 201 -17.06 25.53 19.95
C GLN B 201 -16.97 24.00 19.84
N LEU B 202 -17.63 23.46 18.81
CA LEU B 202 -17.62 22.03 18.53
C LEU B 202 -16.95 21.66 17.19
N TYR B 203 -16.31 22.64 16.54
CA TYR B 203 -15.59 22.37 15.28
C TYR B 203 -14.30 21.58 15.54
N GLY B 204 -13.64 21.88 16.66
CA GLY B 204 -12.51 21.07 17.13
C GLY B 204 -12.90 19.60 17.29
N LYS B 205 -14.10 19.36 17.84
CA LYS B 205 -14.66 18.01 17.97
C LYS B 205 -14.99 17.35 16.65
N PHE B 206 -15.41 18.14 15.66
CA PHE B 206 -15.64 17.60 14.32
C PHE B 206 -14.32 17.11 13.69
N ALA B 207 -13.29 17.93 13.83
CA ALA B 207 -11.97 17.61 13.31
C ALA B 207 -11.39 16.35 13.97
N GLU B 208 -11.63 16.19 15.27
N GLU B 208 -11.60 16.19 15.27
CA GLU B 208 -11.20 15.02 16.02
CA GLU B 208 -11.17 14.99 15.98
C GLU B 208 -11.83 13.76 15.44
C GLU B 208 -11.82 13.74 15.38
N TYR B 209 -13.10 13.86 15.06
CA TYR B 209 -13.86 12.76 14.49
C TYR B 209 -13.40 12.41 13.07
N ALA B 210 -13.29 13.43 12.23
CA ALA B 210 -12.83 13.27 10.86
C ALA B 210 -11.40 12.71 10.80
N ASN B 211 -10.52 13.19 11.70
CA ASN B 211 -9.15 12.69 11.76
C ASN B 211 -9.12 11.21 12.17
N THR B 212 -9.98 10.86 13.12
CA THR B 212 -10.18 9.49 13.58
C THR B 212 -10.58 8.54 12.44
N LEU B 213 -11.62 8.92 11.69
N LEU B 213 -11.60 8.93 11.68
CA LEU B 213 -12.07 8.14 10.53
CA LEU B 213 -12.08 8.15 10.55
C LEU B 213 -10.98 8.00 9.47
C LEU B 213 -11.00 8.00 9.46
N ALA B 214 -10.22 9.07 9.28
CA ALA B 214 -9.08 9.08 8.34
C ALA B 214 -7.99 8.11 8.80
N ALA B 215 -7.70 8.10 10.10
CA ALA B 215 -6.72 7.19 10.67
C ALA B 215 -7.18 5.73 10.57
N MET B 216 -8.47 5.51 10.74
CA MET B 216 -9.02 4.19 10.71
C MET B 216 -8.85 3.60 9.31
N ALA B 217 -9.11 4.44 8.31
CA ALA B 217 -9.02 4.08 6.90
C ALA B 217 -7.60 3.66 6.60
N LYS B 218 -6.65 4.49 7.02
CA LYS B 218 -5.24 4.27 6.72
C LYS B 218 -4.70 3.02 7.38
N GLU B 219 -5.04 2.79 8.65
CA GLU B 219 -4.45 1.64 9.33
C GLU B 219 -4.98 0.33 8.79
N ARG B 220 -6.13 0.39 8.13
CA ARG B 220 -6.67 -0.75 7.39
C ARG B 220 -6.26 -0.79 5.90
N GLY B 221 -5.31 0.06 5.52
CA GLY B 221 -4.77 0.04 4.15
C GLY B 221 -5.73 0.58 3.12
N LEU B 222 -6.63 1.44 3.57
CA LEU B 222 -7.54 2.17 2.69
C LEU B 222 -7.08 3.62 2.59
N GLN B 223 -7.19 4.21 1.39
CA GLN B 223 -6.91 5.62 1.20
C GLN B 223 -8.14 6.42 1.62
N PRO B 224 -8.02 7.31 2.63
CA PRO B 224 -9.23 8.03 3.05
C PRO B 224 -9.66 9.09 2.03
N MET B 225 -10.97 9.22 1.83
CA MET B 225 -11.54 10.27 1.00
C MET B 225 -12.64 10.90 1.81
N ALA B 226 -12.87 12.19 1.59
CA ALA B 226 -14.01 12.88 2.17
C ALA B 226 -14.41 14.04 1.29
N PHE B 227 -15.64 14.53 1.45
CA PHE B 227 -16.07 15.75 0.79
C PHE B 227 -15.36 16.95 1.44
N ASN B 228 -15.25 18.06 0.72
CA ASN B 228 -14.45 19.20 1.20
C ASN B 228 -15.05 20.04 2.33
N ASP B 229 -16.38 20.01 2.47
CA ASP B 229 -17.12 20.92 3.36
C ASP B 229 -16.43 21.28 4.69
N GLY B 230 -16.08 20.26 5.49
CA GLY B 230 -15.67 20.48 6.87
C GLY B 230 -14.19 20.78 7.05
N PHE B 231 -13.46 20.80 5.95
CA PHE B 231 -12.02 20.95 6.00
C PHE B 231 -11.61 22.40 5.91
N TYR B 232 -10.99 22.88 6.98
CA TYR B 232 -10.46 24.23 7.04
C TYR B 232 -11.52 25.26 6.66
N TYR B 233 -12.67 25.17 7.31
CA TYR B 233 -13.82 26.03 6.98
C TYR B 233 -13.42 27.50 7.08
N GLU B 234 -13.90 28.29 6.11
CA GLU B 234 -13.60 29.72 5.96
C GLU B 234 -12.10 30.09 5.87
N ASP B 235 -11.30 29.17 5.32
CA ASP B 235 -9.85 29.36 5.14
C ASP B 235 -9.09 29.62 6.45
N LYS B 236 -9.59 29.09 7.57
CA LYS B 236 -8.98 29.28 8.89
C LYS B 236 -8.29 27.99 9.29
N ASP B 237 -7.25 28.07 10.11
CA ASP B 237 -6.49 26.88 10.48
C ASP B 237 -6.12 26.75 11.96
N ASP B 238 -6.94 27.33 12.84
CA ASP B 238 -6.78 27.11 14.28
C ASP B 238 -7.17 25.68 14.66
N VAL B 239 -7.83 24.98 13.76
CA VAL B 239 -8.16 23.57 13.90
C VAL B 239 -7.50 22.81 12.74
N GLN B 240 -6.66 21.82 13.08
CA GLN B 240 -5.95 21.03 12.07
C GLN B 240 -6.71 19.80 11.60
N PHE B 241 -6.51 19.42 10.35
CA PHE B 241 -7.08 18.19 9.80
C PHE B 241 -5.98 17.31 9.19
N ASP B 242 -6.21 15.99 9.22
CA ASP B 242 -5.37 14.98 8.56
C ASP B 242 -5.04 15.45 7.14
N LYS B 243 -3.77 15.42 6.75
CA LYS B 243 -3.36 15.90 5.43
C LYS B 243 -3.40 14.83 4.33
N ASP B 244 -3.59 13.57 4.71
CA ASP B 244 -3.59 12.45 3.74
C ASP B 244 -4.93 12.17 3.06
N VAL B 245 -5.98 12.85 3.51
N VAL B 245 -5.98 12.85 3.51
CA VAL B 245 -7.32 12.66 2.97
CA VAL B 245 -7.32 12.60 2.99
C VAL B 245 -7.40 13.14 1.52
C VAL B 245 -7.49 13.14 1.57
N LEU B 246 -7.94 12.28 0.66
CA LEU B 246 -8.25 12.66 -0.72
C LEU B 246 -9.56 13.45 -0.72
N ILE B 247 -9.47 14.73 -1.05
CA ILE B 247 -10.63 15.63 -0.94
C ILE B 247 -11.54 15.55 -2.16
N SER B 248 -12.76 15.08 -1.96
CA SER B 248 -13.74 15.10 -3.05
C SER B 248 -14.32 16.52 -3.10
N TYR B 249 -13.75 17.35 -3.98
CA TYR B 249 -14.14 18.76 -4.07
C TYR B 249 -15.30 18.99 -5.02
N TRP B 250 -16.44 19.45 -4.49
CA TRP B 250 -17.65 19.64 -5.31
C TRP B 250 -18.13 21.07 -5.42
N SER B 251 -17.80 21.91 -4.43
CA SER B 251 -18.26 23.31 -4.36
C SER B 251 -17.55 24.11 -3.27
N LYS B 252 -17.49 25.43 -3.46
CA LYS B 252 -16.96 26.31 -2.43
C LYS B 252 -18.07 26.87 -1.54
N GLY B 253 -19.32 26.54 -1.85
CA GLY B 253 -20.43 26.93 -0.99
C GLY B 253 -21.19 28.13 -1.52
N TRP B 254 -22.40 28.29 -0.97
N TRP B 254 -22.45 28.27 -1.11
CA TRP B 254 -23.43 29.25 -1.38
CA TRP B 254 -23.19 29.44 -1.51
C TRP B 254 -23.63 30.23 -0.25
C TRP B 254 -23.27 30.40 -0.37
N TRP B 255 -24.00 31.48 -0.54
CA TRP B 255 -23.97 32.56 0.46
CA TRP B 255 -24.07 32.58 0.45
C TRP B 255 -24.01 32.11 1.89
N GLY B 256 -22.95 32.44 2.62
CA GLY B 256 -22.86 32.09 4.05
C GLY B 256 -22.54 30.64 4.37
N TYR B 257 -22.32 29.82 3.34
CA TYR B 257 -21.78 28.48 3.55
C TYR B 257 -20.33 28.62 3.09
N ASN B 258 -19.50 29.14 3.98
CA ASN B 258 -18.18 29.68 3.63
C ASN B 258 -17.01 28.68 3.58
N LEU B 259 -17.11 27.71 2.67
CA LEU B 259 -16.15 26.62 2.56
C LEU B 259 -14.75 27.11 2.21
N ALA B 260 -13.73 26.32 2.56
CA ALA B 260 -12.37 26.59 2.11
C ALA B 260 -12.32 26.58 0.58
N SER B 261 -11.47 27.43 0.01
CA SER B 261 -11.28 27.44 -1.43
C SER B 261 -10.42 26.24 -1.81
N PRO B 262 -10.43 25.85 -3.10
CA PRO B 262 -9.51 24.81 -3.53
C PRO B 262 -8.06 25.28 -3.44
N GLN B 263 -7.84 26.58 -3.69
CA GLN B 263 -6.50 27.19 -3.55
C GLN B 263 -5.99 27.03 -2.12
N TYR B 264 -6.84 27.35 -1.14
CA TYR B 264 -6.46 27.21 0.26
C TYR B 264 -6.09 25.78 0.67
N LEU B 265 -6.92 24.81 0.26
CA LEU B 265 -6.64 23.39 0.57
C LEU B 265 -5.43 22.82 -0.18
N ALA B 266 -5.20 23.28 -1.40
CA ALA B 266 -3.97 22.93 -2.11
C ALA B 266 -2.76 23.42 -1.33
N SER B 267 -2.85 24.64 -0.81
CA SER B 267 -1.78 25.25 -0.04
C SER B 267 -1.47 24.46 1.24
N LYS B 268 -2.45 23.69 1.71
CA LYS B 268 -2.28 22.85 2.91
C LYS B 268 -1.76 21.46 2.58
N GLY B 269 -1.45 21.24 1.30
CA GLY B 269 -0.93 19.96 0.82
C GLY B 269 -1.96 19.01 0.22
N TYR B 270 -3.23 19.36 0.22
CA TYR B 270 -4.27 18.39 -0.21
C TYR B 270 -4.29 18.04 -1.69
N LYS B 271 -4.68 16.79 -1.97
CA LYS B 271 -4.94 16.28 -3.31
C LYS B 271 -6.46 16.19 -3.51
N PHE B 272 -6.90 16.39 -4.74
CA PHE B 272 -8.32 16.48 -5.01
C PHE B 272 -8.79 15.40 -5.97
N LEU B 273 -10.00 14.90 -5.74
CA LEU B 273 -10.79 14.25 -6.77
C LEU B 273 -11.85 15.28 -7.21
N ASN B 274 -11.71 15.79 -8.44
CA ASN B 274 -12.59 16.84 -8.98
C ASN B 274 -14.04 16.34 -9.15
N THR B 275 -14.87 16.68 -8.16
CA THR B 275 -16.24 16.22 -8.08
C THR B 275 -17.17 17.41 -8.30
N ASN B 276 -16.94 18.12 -9.40
CA ASN B 276 -17.65 19.38 -9.66
C ASN B 276 -19.16 19.25 -9.65
N GLY B 277 -19.82 20.07 -8.83
CA GLY B 277 -21.26 20.18 -8.77
C GLY B 277 -21.89 20.47 -10.12
N ASP B 278 -21.11 21.04 -11.03
CA ASP B 278 -21.54 21.28 -12.42
C ASP B 278 -22.06 20.02 -13.09
N TRP B 279 -21.49 18.88 -12.70
CA TRP B 279 -21.83 17.58 -13.27
C TRP B 279 -22.89 16.79 -12.51
N TYR B 280 -23.48 17.38 -11.47
CA TYR B 280 -24.50 16.71 -10.64
C TYR B 280 -25.83 16.49 -11.40
N TYR B 281 -26.42 15.29 -11.26
CA TYR B 281 -27.81 15.04 -11.70
C TYR B 281 -28.62 14.37 -10.60
N ILE B 282 -29.72 15.00 -10.19
CA ILE B 282 -30.68 14.38 -9.27
C ILE B 282 -31.73 13.64 -10.09
N LEU B 283 -31.95 12.36 -9.78
CA LEU B 283 -32.95 11.57 -10.53
C LEU B 283 -34.29 12.29 -10.56
N GLY B 284 -34.82 12.48 -11.76
CA GLY B 284 -36.14 13.07 -11.97
C GLY B 284 -36.18 14.59 -11.94
N GLN B 285 -35.03 15.22 -11.74
CA GLN B 285 -34.94 16.66 -11.57
C GLN B 285 -35.08 17.38 -12.90
N LYS B 286 -36.06 18.29 -12.95
CA LYS B 286 -36.33 19.17 -14.07
C LYS B 286 -36.08 20.61 -13.60
N PRO B 287 -35.85 21.56 -14.52
CA PRO B 287 -35.51 22.95 -14.14
C PRO B 287 -36.40 23.58 -13.06
N GLU B 288 -37.70 23.27 -13.09
CA GLU B 288 -38.66 23.83 -12.13
C GLU B 288 -38.52 23.29 -10.70
N ASP B 289 -37.55 22.40 -10.49
CA ASP B 289 -37.25 21.91 -9.15
C ASP B 289 -36.01 22.60 -8.57
N GLY B 290 -35.22 23.22 -9.45
CA GLY B 290 -34.02 23.94 -9.04
C GLY B 290 -32.75 23.35 -9.63
N TRP B 291 -31.70 23.29 -8.82
N TRP B 291 -31.72 23.30 -8.79
CA TRP B 291 -30.37 22.90 -9.32
CA TRP B 291 -30.39 22.77 -9.07
C TRP B 291 -30.30 21.46 -9.71
C TRP B 291 -30.33 21.40 -9.72
N TYR B 292 -29.28 21.16 -10.50
CA TYR B 292 -28.90 19.78 -10.90
C TYR B 292 -29.90 18.96 -11.73
N PHE B 293 -30.54 19.60 -12.71
CA PHE B 293 -31.44 18.90 -13.64
C PHE B 293 -30.65 18.35 -14.84
N LEU B 294 -31.25 17.41 -15.57
CA LEU B 294 -30.53 16.64 -16.61
C LEU B 294 -29.88 17.49 -17.71
N LYS B 295 -30.63 18.42 -18.28
CA LYS B 295 -30.17 19.16 -19.45
C LYS B 295 -28.92 20.02 -19.15
N LYS B 296 -28.90 20.64 -17.99
CA LYS B 296 -27.77 21.47 -17.55
C LYS B 296 -26.53 20.60 -17.26
N ALA B 297 -26.75 19.44 -16.65
CA ALA B 297 -25.66 18.49 -16.36
C ALA B 297 -24.99 18.02 -17.65
N ILE B 298 -25.81 17.66 -18.65
CA ILE B 298 -25.29 17.25 -19.95
C ILE B 298 -24.48 18.36 -20.60
N GLU B 299 -25.00 19.59 -20.55
CA GLU B 299 -24.30 20.77 -21.06
C GLU B 299 -22.95 20.96 -20.37
N ASN B 300 -22.93 20.87 -19.05
CA ASN B 300 -21.72 21.11 -18.27
C ASN B 300 -20.58 20.11 -18.48
N THR B 301 -20.92 18.90 -18.95
CA THR B 301 -19.88 17.93 -19.31
C THR B 301 -19.01 18.46 -20.44
N GLY B 302 -19.58 19.38 -21.23
CA GLY B 302 -18.85 20.12 -22.25
C GLY B 302 -18.26 21.44 -21.75
N LYS B 303 -19.09 22.28 -21.13
CA LYS B 303 -18.75 23.64 -20.68
C LYS B 303 -17.67 23.72 -19.58
N THR B 304 -17.69 22.78 -18.65
CA THR B 304 -16.73 22.76 -17.55
C THR B 304 -15.55 21.85 -17.90
N PRO B 305 -14.31 22.40 -17.93
CA PRO B 305 -13.13 21.57 -18.24
C PRO B 305 -12.94 20.42 -17.23
N PHE B 306 -12.46 19.28 -17.74
CA PHE B 306 -12.23 18.07 -16.93
C PHE B 306 -11.46 18.38 -15.65
N ASN B 307 -10.44 19.22 -15.78
CA ASN B 307 -9.59 19.56 -14.66
C ASN B 307 -10.08 20.76 -13.84
N GLN B 308 -11.23 21.32 -14.20
CA GLN B 308 -11.69 22.54 -13.53
C GLN B 308 -12.34 22.29 -12.17
N LEU B 309 -11.68 22.72 -11.10
CA LEU B 309 -12.26 22.61 -9.75
C LEU B 309 -13.32 23.71 -9.58
N ALA B 310 -14.40 23.39 -8.86
CA ALA B 310 -15.48 24.36 -8.62
C ALA B 310 -14.95 25.61 -7.94
N SER B 311 -15.50 26.76 -8.34
CA SER B 311 -15.07 28.11 -7.91
C SER B 311 -13.77 28.61 -8.56
N THR B 312 -13.23 27.85 -9.51
CA THR B 312 -12.00 28.27 -10.20
C THR B 312 -12.16 28.21 -11.70
N LYS B 313 -11.35 29.00 -12.39
CA LYS B 313 -11.38 29.12 -13.84
C LYS B 313 -10.11 28.44 -14.36
N TYR B 314 -10.29 27.32 -15.06
CA TYR B 314 -9.16 26.54 -15.59
C TYR B 314 -8.86 27.01 -17.02
N PRO B 315 -7.56 27.14 -17.39
CA PRO B 315 -6.34 26.84 -16.66
C PRO B 315 -5.69 28.02 -15.94
N GLU B 316 -6.37 29.15 -15.87
CA GLU B 316 -5.89 30.29 -15.08
C GLU B 316 -5.58 29.88 -13.65
N VAL B 317 -6.42 29.05 -13.07
CA VAL B 317 -6.10 28.34 -11.84
C VAL B 317 -5.94 26.87 -12.24
N ASP B 318 -4.78 26.30 -11.91
CA ASP B 318 -4.46 24.95 -12.32
C ASP B 318 -3.90 24.19 -11.12
N LEU B 319 -4.76 23.36 -10.54
CA LEU B 319 -4.45 22.64 -9.32
C LEU B 319 -4.44 21.15 -9.59
N PRO B 320 -3.50 20.41 -8.95
CA PRO B 320 -3.41 18.98 -9.24
C PRO B 320 -4.61 18.21 -8.71
N THR B 321 -5.22 17.45 -9.61
CA THR B 321 -6.29 16.54 -9.26
C THR B 321 -5.83 15.14 -9.65
N VAL B 322 -6.37 14.12 -8.99
CA VAL B 322 -6.10 12.74 -9.39
C VAL B 322 -7.08 12.29 -10.48
N GLY B 323 -8.07 13.14 -10.77
CA GLY B 323 -9.08 12.80 -11.76
C GLY B 323 -10.40 13.47 -11.43
N SER B 324 -11.48 12.98 -12.04
CA SER B 324 -12.76 13.65 -11.94
C SER B 324 -13.89 12.66 -11.74
N MET B 325 -14.98 13.15 -11.16
CA MET B 325 -16.13 12.33 -10.81
C MET B 325 -17.43 13.03 -11.18
N LEU B 326 -18.26 12.33 -11.94
CA LEU B 326 -19.61 12.78 -12.25
C LEU B 326 -20.59 12.03 -11.31
N SER B 327 -21.56 12.75 -10.77
CA SER B 327 -22.36 12.23 -9.66
C SER B 327 -23.87 12.21 -9.89
N ILE B 328 -24.46 11.01 -9.70
CA ILE B 328 -25.90 10.76 -9.77
C ILE B 328 -26.44 10.71 -8.33
N TRP B 329 -27.38 11.58 -8.01
CA TRP B 329 -27.90 11.68 -6.65
C TRP B 329 -29.36 11.34 -6.60
N ALA B 330 -29.83 10.90 -5.43
CA ALA B 330 -31.18 10.40 -5.29
C ALA B 330 -32.04 11.18 -4.28
N ASP B 331 -31.82 12.50 -4.17
CA ASP B 331 -32.47 13.37 -3.17
C ASP B 331 -33.95 13.09 -2.92
N ARG B 332 -34.66 12.75 -3.98
CA ARG B 332 -36.03 12.31 -3.90
C ARG B 332 -36.01 10.86 -4.38
N PRO B 333 -35.86 9.90 -3.44
CA PRO B 333 -35.54 8.55 -3.88
C PRO B 333 -36.70 7.77 -4.51
N SER B 334 -37.91 8.32 -4.48
CA SER B 334 -39.05 7.71 -5.17
C SER B 334 -39.04 7.91 -6.68
N ALA B 335 -38.23 8.87 -7.16
CA ALA B 335 -38.09 9.12 -8.59
C ALA B 335 -37.53 7.89 -9.31
N GLU B 336 -38.06 7.59 -10.51
CA GLU B 336 -37.63 6.43 -11.28
C GLU B 336 -36.20 6.60 -11.76
N TYR B 337 -35.35 5.62 -11.46
CA TYR B 337 -34.03 5.57 -12.05
C TYR B 337 -34.20 5.17 -13.50
N LYS B 338 -33.81 6.07 -14.40
CA LYS B 338 -33.82 5.80 -15.83
C LYS B 338 -32.41 5.63 -16.33
N GLU B 339 -32.07 4.37 -16.59
CA GLU B 339 -30.77 3.96 -17.07
C GLU B 339 -30.28 4.84 -18.23
N GLU B 340 -31.18 5.11 -19.18
CA GLU B 340 -30.86 5.93 -20.37
C GLU B 340 -30.36 7.34 -20.04
N GLU B 341 -30.93 7.94 -19.00
CA GLU B 341 -30.54 9.30 -18.57
C GLU B 341 -29.09 9.33 -18.09
N ILE B 342 -28.77 8.37 -17.23
CA ILE B 342 -27.45 8.24 -16.62
C ILE B 342 -26.40 7.84 -17.66
N PHE B 343 -26.79 6.93 -18.55
CA PHE B 343 -25.93 6.48 -19.65
C PHE B 343 -25.61 7.62 -20.62
N GLU B 344 -26.60 8.46 -20.91
CA GLU B 344 -26.37 9.61 -21.79
C GLU B 344 -25.41 10.61 -21.13
N LEU B 345 -25.65 10.88 -19.84
CA LEU B 345 -24.78 11.79 -19.09
C LEU B 345 -23.35 11.25 -19.05
N MET B 346 -23.21 9.95 -18.77
CA MET B 346 -21.91 9.28 -18.77
C MET B 346 -21.21 9.38 -20.12
N THR B 347 -21.96 9.11 -21.20
CA THR B 347 -21.43 9.11 -22.56
C THR B 347 -20.92 10.50 -22.94
N ALA B 348 -21.71 11.52 -22.61
CA ALA B 348 -21.39 12.91 -22.90
C ALA B 348 -20.07 13.34 -22.26
N PHE B 349 -19.89 13.00 -20.98
CA PHE B 349 -18.66 13.32 -20.24
C PHE B 349 -17.43 12.63 -20.84
N ALA B 350 -17.57 11.37 -21.26
CA ALA B 350 -16.49 10.65 -21.92
C ALA B 350 -16.20 11.24 -23.31
N ASP B 351 -17.27 11.55 -24.06
CA ASP B 351 -17.14 12.11 -25.42
C ASP B 351 -16.50 13.48 -25.48
N HIS B 352 -16.73 14.29 -24.45
CA HIS B 352 -16.08 15.61 -24.35
C HIS B 352 -14.64 15.52 -23.91
N ASN B 353 -14.23 14.34 -23.44
CA ASN B 353 -12.91 14.17 -22.83
C ASN B 353 -12.20 12.90 -23.27
N LYS B 354 -12.21 12.67 -24.59
CA LYS B 354 -11.71 11.42 -25.17
C LYS B 354 -10.24 11.13 -24.88
N ASP B 355 -9.45 12.18 -24.64
CA ASP B 355 -8.05 12.06 -24.22
C ASP B 355 -7.90 11.43 -22.83
N TYR B 356 -8.93 11.54 -22.01
CA TYR B 356 -8.87 11.01 -20.64
C TYR B 356 -9.47 9.63 -20.50
N PHE B 357 -10.42 9.29 -21.37
CA PHE B 357 -11.14 8.03 -21.26
C PHE B 357 -10.53 6.93 -22.10
N ARG B 358 -10.50 5.71 -21.56
CA ARG B 358 -9.99 4.56 -22.30
C ARG B 358 -10.89 4.25 -23.50
N ALA B 359 -10.31 3.60 -24.50
CA ALA B 359 -11.08 2.94 -25.54
C ALA B 359 -11.94 1.84 -24.88
N ASN B 360 -12.82 1.24 -25.69
CA ASN B 360 -13.68 0.16 -25.21
C ASN B 360 -13.04 -1.21 -25.46
N TYR B 361 -12.53 -1.82 -24.39
CA TYR B 361 -11.79 -3.08 -24.47
C TYR B 361 -12.62 -4.35 -24.28
N ASN B 362 -13.95 -4.21 -24.22
CA ASN B 362 -14.83 -5.36 -24.00
C ASN B 362 -14.82 -6.41 -25.11
N ALA B 363 -14.84 -5.96 -26.36
CA ALA B 363 -14.77 -6.87 -27.50
C ALA B 363 -13.42 -7.61 -27.54
N LEU B 364 -12.35 -6.92 -27.15
CA LEU B 364 -11.03 -7.57 -27.06
C LEU B 364 -11.03 -8.71 -26.05
N ARG B 365 -11.62 -8.47 -24.88
CA ARG B 365 -11.69 -9.50 -23.84
C ARG B 365 -12.51 -10.70 -24.29
N GLU B 366 -13.61 -10.43 -25.01
CA GLU B 366 -14.49 -11.47 -25.53
C GLU B 366 -13.76 -12.34 -26.56
N GLU B 367 -13.00 -11.69 -27.45
CA GLU B 367 -12.25 -12.40 -28.48
C GLU B 367 -11.15 -13.28 -27.90
N LEU B 368 -10.42 -12.75 -26.92
CA LEU B 368 -9.37 -13.51 -26.23
C LEU B 368 -9.92 -14.76 -25.54
N ALA B 369 -11.09 -14.62 -24.91
CA ALA B 369 -11.72 -15.71 -24.16
C ALA B 369 -12.27 -16.83 -25.07
N LYS B 370 -12.42 -16.52 -26.35
CA LYS B 370 -12.91 -17.49 -27.34
C LYS B 370 -11.86 -18.55 -27.69
N ILE B 371 -10.59 -18.25 -27.41
CA ILE B 371 -9.49 -19.18 -27.66
C ILE B 371 -9.62 -20.45 -26.82
N GLU B 381 2.18 -22.59 -38.18
CA GLU B 381 1.90 -21.45 -39.05
C GLU B 381 0.67 -20.67 -38.57
N SER B 382 -0.43 -21.39 -38.35
CA SER B 382 -1.67 -20.78 -37.85
C SER B 382 -1.55 -20.37 -36.37
N LEU B 383 -0.69 -21.08 -35.63
CA LEU B 383 -0.41 -20.76 -34.23
C LEU B 383 0.51 -19.55 -34.11
N GLU B 384 1.46 -19.45 -35.04
CA GLU B 384 2.33 -18.28 -35.15
C GLU B 384 1.53 -17.02 -35.53
N ALA B 385 0.50 -17.21 -36.35
CA ALA B 385 -0.40 -16.14 -36.77
C ALA B 385 -1.19 -15.54 -35.58
N LEU B 386 -1.63 -16.42 -34.67
CA LEU B 386 -2.32 -16.00 -33.45
C LEU B 386 -1.36 -15.35 -32.44
N ASP B 387 -0.09 -15.80 -32.47
CA ASP B 387 0.96 -15.23 -31.63
C ASP B 387 1.26 -13.79 -32.02
N ALA B 388 1.23 -13.50 -33.31
CA ALA B 388 1.52 -12.17 -33.84
C ALA B 388 0.39 -11.19 -33.53
N ALA B 389 -0.85 -11.61 -33.78
CA ALA B 389 -2.03 -10.79 -33.52
C ALA B 389 -2.17 -10.43 -32.03
N LYS B 390 -1.86 -11.39 -31.17
CA LYS B 390 -1.85 -11.18 -29.73
C LYS B 390 -0.77 -10.19 -29.33
N THR B 391 0.37 -10.23 -30.03
CA THR B 391 1.48 -9.31 -29.80
C THR B 391 1.13 -7.89 -30.27
N ALA B 392 0.27 -7.79 -31.29
CA ALA B 392 -0.08 -6.49 -31.88
C ALA B 392 -1.10 -5.70 -31.05
N LEU B 393 -1.66 -6.34 -30.03
CA LEU B 393 -2.69 -5.72 -29.17
C LEU B 393 -2.13 -4.53 -28.38
N ASN B 394 -2.84 -3.40 -28.44
CA ASN B 394 -2.44 -2.19 -27.74
C ASN B 394 -3.46 -1.87 -26.64
N TYR B 395 -3.00 -1.98 -25.39
CA TYR B 395 -3.87 -1.81 -24.23
C TYR B 395 -3.94 -0.36 -23.74
N ASN B 396 -3.16 0.51 -24.38
CA ASN B 396 -3.00 1.90 -23.94
C ASN B 396 -3.82 2.93 -24.73
N LEU B 397 -4.85 2.46 -25.45
CA LEU B 397 -5.60 3.34 -26.36
C LEU B 397 -6.73 4.08 -25.67
N ASN B 398 -6.85 5.37 -25.99
CA ASN B 398 -7.90 6.21 -25.43
C ASN B 398 -9.14 6.19 -26.32
N ARG B 399 -10.18 6.90 -25.91
CA ARG B 399 -11.46 6.90 -26.60
C ARG B 399 -11.40 7.49 -28.03
N ASN B 400 -10.38 8.31 -28.30
CA ASN B 400 -10.11 8.82 -29.66
C ASN B 400 -9.79 7.72 -30.67
N LYS B 401 -9.40 6.55 -30.20
CA LYS B 401 -8.82 5.53 -31.08
C LYS B 401 -9.56 4.18 -31.11
N GLN B 402 -10.88 4.22 -31.06
CA GLN B 402 -11.68 2.99 -31.07
C GLN B 402 -11.51 2.21 -32.39
N ALA B 403 -11.57 2.94 -33.50
CA ALA B 403 -11.37 2.37 -34.83
C ALA B 403 -10.06 1.58 -34.88
N GLU B 404 -9.00 2.20 -34.37
CA GLU B 404 -7.67 1.60 -34.33
C GLU B 404 -7.68 0.29 -33.54
N LEU B 405 -8.32 0.33 -32.37
CA LEU B 405 -8.48 -0.88 -31.54
C LEU B 405 -9.29 -1.97 -32.25
N ASP B 406 -10.40 -1.58 -32.89
CA ASP B 406 -11.28 -2.53 -33.58
C ASP B 406 -10.54 -3.32 -34.66
N THR B 407 -9.71 -2.62 -35.43
CA THR B 407 -8.83 -3.22 -36.43
C THR B 407 -7.92 -4.28 -35.80
N LEU B 408 -7.30 -3.96 -34.67
CA LEU B 408 -6.44 -4.90 -33.94
C LEU B 408 -7.21 -6.14 -33.47
N VAL B 409 -8.44 -5.95 -33.03
CA VAL B 409 -9.31 -7.05 -32.61
C VAL B 409 -9.76 -7.87 -33.82
N ALA B 410 -10.04 -7.18 -34.93
CA ALA B 410 -10.40 -7.84 -36.20
C ALA B 410 -9.31 -8.81 -36.65
N ASN B 411 -8.05 -8.37 -36.54
CA ASN B 411 -6.88 -9.19 -36.87
C ASN B 411 -6.69 -10.34 -35.88
N LEU B 412 -7.09 -10.13 -34.64
CA LEU B 412 -7.09 -11.19 -33.64
C LEU B 412 -8.17 -12.23 -33.98
N LYS B 413 -9.35 -11.74 -34.37
CA LYS B 413 -10.47 -12.60 -34.77
C LYS B 413 -10.09 -13.45 -35.99
N ALA B 414 -9.51 -12.79 -37.00
CA ALA B 414 -9.05 -13.45 -38.22
C ALA B 414 -7.98 -14.50 -37.95
N ALA B 415 -7.10 -14.22 -36.99
CA ALA B 415 -6.05 -15.16 -36.59
C ALA B 415 -6.63 -16.43 -35.96
N LEU B 416 -7.72 -16.28 -35.21
CA LEU B 416 -8.38 -17.42 -34.55
C LEU B 416 -8.99 -18.42 -35.55
N GLN B 417 -9.07 -18.02 -36.82
CA GLN B 417 -9.49 -18.88 -37.94
C GLN B 417 -10.84 -19.57 -37.71
CAH OAN C . 12.46 -1.99 -0.30
CAG OAN C . 12.79 -0.56 0.15
OAN OAN C . 12.58 -0.21 1.31
NAI OAN C . 13.30 0.24 -0.80
CAB OAN C . 13.70 1.64 -0.58
CAC OAN C . 15.11 1.69 -0.01
OAJ OAN C . 16.07 1.56 -1.08
CAD OAN C . 15.36 2.98 0.74
OAK OAN C . 16.70 2.96 1.22
CAE OAN C . 14.40 3.07 1.94
CAF OAN C . 14.50 4.36 2.76
OAM OAN C . 14.11 5.49 1.97
OAL OAN C . 13.00 2.91 1.55
CAA OAN C . 12.70 2.42 0.31
NAY OAN C . 11.48 2.61 -0.12
OAQ OAN C . 10.65 3.31 0.71
CAP OAN C . 9.70 4.05 0.08
OAR OAN C . 8.86 4.67 0.74
NAO OAN C . 9.75 4.08 -1.26
CAS OAN C . 8.88 4.72 -2.06
CAT OAN C . 8.30 4.00 -3.10
CAU OAN C . 7.39 4.62 -3.96
CAV OAN C . 7.07 5.96 -3.79
CAW OAN C . 7.66 6.69 -2.75
CAX OAN C . 8.56 6.08 -1.88
C1 EDO D . 7.37 -15.41 28.81
O1 EDO D . 7.21 -14.13 29.41
C2 EDO D . 8.50 -16.15 29.51
O2 EDO D . 8.34 -17.57 29.33
C1 EDO E . 34.19 -19.68 -2.44
O1 EDO E . 35.36 -19.23 -3.13
C2 EDO E . 34.63 -20.54 -1.26
O2 EDO E . 33.96 -20.09 -0.08
C1 EDO F . 13.65 5.85 -2.65
O1 EDO F . 13.02 4.89 -1.78
C2 EDO F . 15.06 5.37 -3.01
O2 EDO F . 14.97 4.26 -3.91
BR BR G . 14.68 12.46 14.50
BR BR H . 25.23 11.66 -0.17
BR BR I . 3.10 -7.24 -19.63
N1 BCN J . 15.13 -21.84 -14.97
C1 BCN J . 16.39 -22.27 -14.30
C2 BCN J . 17.34 -21.10 -13.96
O21 BCN J . 17.64 -20.31 -14.89
O22 BCN J . 17.75 -21.04 -12.79
C3 BCN J . 14.61 -20.50 -14.57
C4 BCN J . 13.33 -20.11 -15.32
O4 BCN J . 12.31 -19.78 -14.36
C5 BCN J . 14.13 -22.94 -15.01
C6 BCN J . 13.46 -23.25 -13.66
O6 BCN J . 14.03 -24.44 -13.09
CAH OAN K . -21.39 16.30 -1.30
CAG OAN K . -22.78 16.61 -1.89
OAN OAN K . -22.91 16.84 -3.08
NAI OAN K . -23.78 16.63 -1.00
CAB OAN K . -25.19 16.88 -1.31
CAC OAN K . -25.83 15.56 -1.77
OAJ OAN K . -26.23 14.84 -0.60
CAD OAN K . -27.02 15.82 -2.67
OAK OAN K . -27.60 14.58 -3.02
CAE OAN K . -26.54 16.57 -3.92
CAF OAN K . -27.63 16.89 -4.95
OAM OAN K . -28.65 17.69 -4.36
OAL OAN K . -25.94 17.85 -3.58
CAA OAN K . -25.41 18.03 -2.34
NAY OAN K . -25.10 19.26 -2.04
OAQ OAN K . -25.34 20.20 -3.01
CAP OAN K . -25.62 21.47 -2.55
OAR OAN K . -25.85 22.37 -3.36
NAO OAN K . -25.58 21.66 -1.21
CAS OAN K . -25.81 22.81 -0.54
CAT OAN K . -25.18 22.99 0.68
CAU OAN K . -25.40 24.17 1.42
CAV OAN K . -26.25 25.15 0.96
CAW OAN K . -26.89 24.97 -0.27
CAX OAN K . -26.67 23.81 -1.00
C1 EDO L . -38.72 12.55 0.18
O1 EDO L . -38.45 12.95 -1.17
C2 EDO L . -37.48 11.92 0.79
O2 EDO L . -37.79 10.60 1.26
C1 EDO M . -37.14 5.73 20.47
O1 EDO M . -36.95 4.45 19.84
C2 EDO M . -36.67 5.68 21.92
O2 EDO M . -35.26 5.96 21.97
C1 EDO N . -29.54 17.34 0.68
O1 EDO N . -28.52 17.34 1.67
C2 EDO N . -29.43 18.60 -0.18
O2 EDO N . -28.06 18.99 -0.40
BR BR O . -2.09 23.54 9.49
N1 BCN P . -16.27 20.46 -27.89
C1 BCN P . -16.77 21.82 -27.52
C2 BCN P . -18.25 21.82 -27.10
O21 BCN P . -19.05 22.48 -27.81
O22 BCN P . -18.55 21.19 -26.06
C3 BCN P . -17.21 19.78 -28.82
C4 BCN P . -16.48 18.76 -29.69
O4 BCN P . -15.59 19.41 -30.59
C5 BCN P . -15.94 19.61 -26.72
C6 BCN P . -14.92 20.26 -25.78
O6 BCN P . -14.43 19.29 -24.85
N1 BCN Q . -30.20 22.58 -1.50
C1 BCN Q . -29.17 22.14 -2.46
C2 BCN Q . -29.41 20.69 -2.92
O21 BCN Q . -30.60 20.32 -3.09
O22 BCN Q . -28.38 19.98 -3.08
C3 BCN Q . -30.08 24.05 -1.34
C4 BCN Q . -31.09 24.78 -2.23
O4 BCN Q . -31.48 26.00 -1.62
C5 BCN Q . -30.01 21.85 -0.23
C6 BCN Q . -30.48 22.62 1.00
O6 BCN Q . -29.36 22.75 1.88
#